data_3ZID
#
_entry.id   3ZID
#
_cell.length_a   44.547
_cell.length_b   107.011
_cell.length_c   76.966
_cell.angle_alpha   90.00
_cell.angle_beta   91.42
_cell.angle_gamma   90.00
#
_symmetry.space_group_name_H-M   'P 1 21 1'
#
loop_
_entity.id
_entity.type
_entity.pdbx_description
1 polymer 'TUBULIN/FTSZ, GTPASE'
2 non-polymer "GUANOSINE-5'-DIPHOSPHATE"
3 water water
#
_entity_poly.entity_id   1
_entity_poly.type   'polypeptide(L)'
_entity_poly.pdbx_seq_one_letter_code
;MLNVLMLGVGQCGNRILDAVNRQAFGGSRLAKYYSKQRFPSRVETIAINTAINDLKELKFTAAKDRLHVPNLHGVGANRS
KGKQGFWENQEMILEEIEKRGDFDLIFVMTSVSGGTGSSFSPLMIHELKKRYKNATIVPIAVLPFREEGTIYLQNAAFCL
REMIEVEADGMILVDNQYLKRFSGDIASAYDRINTMVAQRLLFLIEALDSEMLSVTDLGDFKTVMNGGLRMGTLGYYQAD
KKSPSIRAAIKNSLREVGLLYPANVDAGEAGRAMIVIQGSREYLNVDEITKEIESLTETIGHVFKGIVIKKGEPRVLSVL
SLERAPGLVELYEKAKWAIQEERERKDRARSELYEAFEQINDLEEIYHHHHHH
;
_entity_poly.pdbx_strand_id   A,B
#
loop_
_chem_comp.id
_chem_comp.type
_chem_comp.name
_chem_comp.formula
GDP RNA linking GUANOSINE-5'-DIPHOSPHATE 'C10 H15 N5 O11 P2'
#
# COMPACT_ATOMS: atom_id res chain seq x y z
N MET A 1 -8.40 5.01 -3.14
CA MET A 1 -8.31 4.28 -4.41
C MET A 1 -8.74 2.84 -4.19
N LEU A 2 -8.79 2.45 -2.93
CA LEU A 2 -8.97 1.07 -2.56
C LEU A 2 -10.39 0.88 -2.08
N ASN A 3 -11.14 -0.04 -2.70
CA ASN A 3 -12.46 -0.38 -2.20
C ASN A 3 -12.37 -1.56 -1.23
N VAL A 4 -12.66 -1.30 0.03
CA VAL A 4 -12.49 -2.31 1.05
C VAL A 4 -13.83 -2.66 1.66
N LEU A 5 -14.09 -3.95 1.79
CA LEU A 5 -15.28 -4.41 2.48
C LEU A 5 -14.85 -5.14 3.73
N MET A 6 -15.43 -4.77 4.87
CA MET A 6 -15.18 -5.54 6.10
C MET A 6 -16.47 -6.12 6.64
N LEU A 7 -16.47 -7.44 6.83
CA LEU A 7 -17.65 -8.19 7.27
C LEU A 7 -17.37 -8.82 8.61
N GLY A 8 -18.10 -8.41 9.64
CA GLY A 8 -17.91 -8.96 10.97
C GLY A 8 -19.04 -9.95 11.24
N VAL A 9 -18.72 -11.24 11.30
CA VAL A 9 -19.75 -12.29 11.31
C VAL A 9 -19.79 -12.99 12.66
N GLY A 10 -20.97 -13.05 13.26
CA GLY A 10 -21.09 -13.64 14.58
C GLY A 10 -20.73 -12.62 15.64
N GLN A 11 -20.90 -12.95 16.91
CA GLN A 11 -20.64 -11.98 17.98
C GLN A 11 -19.21 -11.43 18.00
N CYS A 12 -18.23 -12.33 17.93
CA CYS A 12 -16.83 -11.92 17.96
C CYS A 12 -16.53 -11.03 16.74
N GLY A 13 -16.89 -11.51 15.55
CA GLY A 13 -16.74 -10.73 14.34
C GLY A 13 -17.44 -9.38 14.44
N ASN A 14 -18.67 -9.35 14.96
CA ASN A 14 -19.37 -8.08 15.17
C ASN A 14 -18.58 -7.10 16.05
N ARG A 15 -18.08 -7.59 17.18
CA ARG A 15 -17.40 -6.75 18.13
C ARG A 15 -16.07 -6.23 17.59
N ILE A 16 -15.39 -7.04 16.79
CA ILE A 16 -14.16 -6.57 16.17
C ILE A 16 -14.48 -5.48 15.15
N LEU A 17 -15.52 -5.68 14.36
CA LEU A 17 -15.92 -4.69 13.40
C LEU A 17 -16.27 -3.35 14.08
N ASP A 18 -16.97 -3.43 15.21
CA ASP A 18 -17.32 -2.27 16.00
C ASP A 18 -16.07 -1.52 16.49
N ALA A 19 -15.05 -2.26 16.94
CA ALA A 19 -13.78 -1.64 17.32
C ALA A 19 -13.11 -0.97 16.14
N VAL A 20 -13.26 -1.54 14.95
CA VAL A 20 -12.73 -0.95 13.73
C VAL A 20 -13.42 0.39 13.45
N ASN A 21 -14.74 0.41 13.55
CA ASN A 21 -15.52 1.62 13.36
C ASN A 21 -15.21 2.67 14.42
N ARG A 22 -15.03 2.20 15.66
CA ARG A 22 -14.68 3.07 16.77
C ARG A 22 -13.41 3.86 16.43
N GLN A 23 -12.35 3.13 16.12
CA GLN A 23 -11.04 3.71 15.90
C GLN A 23 -11.01 4.52 14.61
N ALA A 24 -11.83 4.12 13.65
CA ALA A 24 -11.92 4.79 12.34
C ALA A 24 -12.42 6.22 12.46
N PHE A 25 -13.30 6.46 13.43
CA PHE A 25 -13.79 7.81 13.73
C PHE A 25 -12.65 8.76 14.11
N GLY A 26 -11.66 8.24 14.84
CA GLY A 26 -10.52 9.04 15.24
C GLY A 26 -9.60 9.32 14.07
N GLY A 27 -9.42 8.31 13.23
CA GLY A 27 -8.62 8.46 12.03
C GLY A 27 -9.19 9.53 11.12
N SER A 28 -10.52 9.59 11.04
CA SER A 28 -11.22 10.52 10.16
C SER A 28 -10.94 11.96 10.58
N ARG A 29 -10.89 12.18 11.89
CA ARG A 29 -10.64 13.51 12.44
C ARG A 29 -9.28 14.05 12.05
N LEU A 30 -8.26 13.19 12.13
CA LEU A 30 -6.89 13.59 11.85
C LEU A 30 -6.68 13.98 10.40
N ALA A 31 -7.54 13.45 9.52
CA ALA A 31 -7.35 13.56 8.08
C ALA A 31 -7.22 15.01 7.58
N LYS A 32 -7.71 15.97 8.36
CA LYS A 32 -7.43 17.37 8.07
C LYS A 32 -6.54 17.99 9.15
N SER A 41 -9.81 6.02 0.00
CA SER A 41 -10.31 4.66 -0.14
C SER A 41 -11.65 4.49 0.56
N ARG A 42 -12.53 3.70 -0.05
CA ARG A 42 -13.87 3.52 0.46
C ARG A 42 -13.87 2.26 1.34
N VAL A 43 -14.20 2.40 2.63
CA VAL A 43 -14.30 1.25 3.52
C VAL A 43 -15.72 0.98 4.00
N GLU A 44 -16.31 -0.11 3.54
CA GLU A 44 -17.65 -0.49 3.97
C GLU A 44 -17.60 -1.57 5.05
N THR A 45 -18.49 -1.47 6.01
CA THR A 45 -18.52 -2.41 7.10
C THR A 45 -19.92 -2.94 7.26
N ILE A 46 -20.05 -4.26 7.36
CA ILE A 46 -21.33 -4.88 7.68
C ILE A 46 -21.13 -5.86 8.81
N ALA A 47 -21.87 -5.67 9.89
CA ALA A 47 -21.91 -6.62 10.98
C ALA A 47 -23.06 -7.59 10.72
N ILE A 48 -22.74 -8.87 10.60
CA ILE A 48 -23.76 -9.87 10.31
C ILE A 48 -23.91 -10.81 11.51
N ASN A 49 -25.16 -11.06 11.90
CA ASN A 49 -25.45 -11.95 13.03
C ASN A 49 -26.87 -12.53 12.98
N THR A 50 -27.03 -13.70 13.58
CA THR A 50 -28.33 -14.33 13.70
C THR A 50 -28.95 -13.97 15.05
N ALA A 51 -28.16 -13.35 15.92
CA ALA A 51 -28.67 -12.96 17.22
C ALA A 51 -28.82 -11.45 17.28
N ILE A 52 -30.06 -10.97 17.30
CA ILE A 52 -30.30 -9.53 17.21
C ILE A 52 -29.81 -8.77 18.45
N ASN A 53 -29.78 -9.43 19.62
CA ASN A 53 -29.19 -8.82 20.82
C ASN A 53 -27.75 -8.37 20.61
N ASP A 54 -26.96 -9.21 19.92
CA ASP A 54 -25.58 -8.88 19.62
C ASP A 54 -25.47 -7.62 18.78
N LEU A 55 -26.31 -7.51 17.75
CA LEU A 55 -26.28 -6.34 16.86
C LEU A 55 -26.74 -5.10 17.61
N LYS A 56 -27.66 -5.29 18.55
CA LYS A 56 -28.16 -4.18 19.36
C LYS A 56 -27.07 -3.58 20.24
N GLU A 57 -26.22 -4.45 20.78
CA GLU A 57 -25.15 -4.02 21.67
C GLU A 57 -24.00 -3.29 20.96
N LEU A 58 -24.00 -3.27 19.62
CA LEU A 58 -22.97 -2.56 18.91
C LEU A 58 -23.17 -1.07 19.13
N LYS A 59 -22.08 -0.31 19.16
CA LYS A 59 -22.16 1.08 19.60
C LYS A 59 -21.58 2.10 18.64
N PHE A 60 -20.76 1.66 17.68
CA PHE A 60 -20.11 2.59 16.76
C PHE A 60 -20.42 2.20 15.32
N THR A 61 -21.38 1.31 15.15
CA THR A 61 -21.73 0.83 13.83
C THR A 61 -23.12 1.32 13.46
N ALA A 62 -23.22 1.99 12.32
CA ALA A 62 -24.51 2.52 11.86
C ALA A 62 -25.57 1.42 11.67
N ALA A 63 -26.83 1.78 11.89
CA ALA A 63 -27.94 0.83 11.82
C ALA A 63 -28.03 0.15 10.46
N LYS A 64 -27.68 0.89 9.41
CA LYS A 64 -27.67 0.33 8.05
C LYS A 64 -26.59 -0.73 7.86
N ASP A 65 -25.63 -0.77 8.77
CA ASP A 65 -24.52 -1.70 8.65
C ASP A 65 -24.70 -2.88 9.60
N ARG A 66 -25.89 -2.98 10.19
CA ARG A 66 -26.21 -4.09 11.09
C ARG A 66 -27.23 -5.01 10.43
N LEU A 67 -26.74 -6.16 9.99
CA LEU A 67 -27.55 -7.11 9.25
C LEU A 67 -27.99 -8.28 10.12
N HIS A 68 -29.27 -8.31 10.43
CA HIS A 68 -29.86 -9.42 11.16
C HIS A 68 -30.29 -10.52 10.21
N VAL A 69 -29.84 -11.74 10.49
CA VAL A 69 -30.24 -12.90 9.72
C VAL A 69 -31.15 -13.73 10.60
N PRO A 70 -32.47 -13.68 10.37
CA PRO A 70 -33.37 -14.36 11.32
C PRO A 70 -33.06 -15.86 11.37
N ASN A 71 -33.04 -16.45 12.57
CA ASN A 71 -32.98 -17.92 12.73
C ASN A 71 -31.74 -18.58 12.11
N GLY A 74 -32.46 -20.33 16.68
CA GLY A 74 -31.29 -20.33 17.56
C GLY A 74 -30.16 -21.21 17.07
N VAL A 75 -29.06 -20.59 16.66
CA VAL A 75 -27.92 -21.34 16.15
C VAL A 75 -27.05 -21.87 17.29
N GLY A 76 -26.81 -21.04 18.29
CA GLY A 76 -25.94 -21.39 19.38
C GLY A 76 -24.53 -21.72 18.91
N ALA A 77 -23.99 -22.84 19.37
CA ALA A 77 -22.65 -23.24 18.90
C ALA A 77 -22.75 -24.39 17.92
N ASN A 78 -23.95 -24.59 17.37
CA ASN A 78 -24.20 -25.67 16.43
C ASN A 78 -23.89 -25.28 14.99
N ARG A 79 -22.76 -25.74 14.48
CA ARG A 79 -22.33 -25.37 13.13
C ARG A 79 -23.27 -25.92 12.05
N SER A 80 -23.89 -27.06 12.31
CA SER A 80 -24.83 -27.61 11.33
C SER A 80 -26.00 -26.67 11.13
N LYS A 81 -26.54 -26.17 12.25
CA LYS A 81 -27.63 -25.23 12.18
C LYS A 81 -27.17 -23.91 11.55
N GLY A 82 -25.93 -23.56 11.85
CA GLY A 82 -25.35 -22.38 11.28
C GLY A 82 -25.33 -22.47 9.77
N LYS A 83 -24.84 -23.60 9.26
CA LYS A 83 -24.76 -23.81 7.82
C LYS A 83 -26.13 -23.76 7.18
N GLN A 84 -27.12 -24.40 7.82
CA GLN A 84 -28.49 -24.37 7.31
C GLN A 84 -29.01 -22.95 7.29
N GLY A 85 -28.80 -22.24 8.39
CA GLY A 85 -29.16 -20.85 8.51
C GLY A 85 -28.60 -19.99 7.39
N PHE A 86 -27.34 -20.23 7.04
CA PHE A 86 -26.74 -19.50 5.93
C PHE A 86 -27.42 -19.77 4.58
N TRP A 87 -27.62 -21.04 4.25
CA TRP A 87 -28.27 -21.40 2.98
C TRP A 87 -29.65 -20.80 2.83
N GLU A 88 -30.42 -20.84 3.91
CA GLU A 88 -31.76 -20.27 3.93
C GLU A 88 -31.76 -18.76 3.71
N ASN A 89 -30.66 -18.10 4.09
CA ASN A 89 -30.60 -16.65 3.98
C ASN A 89 -29.47 -16.11 3.10
N GLN A 90 -28.86 -17.02 2.35
CA GLN A 90 -27.70 -16.74 1.50
C GLN A 90 -27.91 -15.55 0.56
N GLU A 91 -29.03 -15.56 -0.16
CA GLU A 91 -29.30 -14.52 -1.14
C GLU A 91 -29.46 -13.16 -0.46
N MET A 92 -30.12 -13.15 0.69
CA MET A 92 -30.36 -11.93 1.42
C MET A 92 -29.05 -11.32 1.89
N ILE A 93 -28.16 -12.17 2.38
CA ILE A 93 -26.84 -11.73 2.83
C ILE A 93 -26.01 -11.19 1.66
N LEU A 94 -25.87 -11.98 0.60
CA LEU A 94 -25.14 -11.54 -0.58
C LEU A 94 -25.70 -10.28 -1.25
N GLU A 95 -27.02 -10.14 -1.21
CA GLU A 95 -27.68 -8.95 -1.75
C GLU A 95 -27.20 -7.70 -1.03
N GLU A 96 -27.14 -7.79 0.30
CA GLU A 96 -26.70 -6.66 1.11
C GLU A 96 -25.29 -6.22 0.76
N ILE A 97 -24.44 -7.20 0.46
CA ILE A 97 -23.07 -6.90 0.06
C ILE A 97 -23.01 -6.26 -1.32
N GLU A 98 -23.72 -6.86 -2.28
CA GLU A 98 -23.72 -6.35 -3.66
C GLU A 98 -24.28 -4.94 -3.79
N LYS A 99 -25.17 -4.55 -2.88
CA LYS A 99 -25.72 -3.20 -2.88
C LYS A 99 -24.64 -2.13 -2.71
N ARG A 100 -23.48 -2.52 -2.18
CA ARG A 100 -22.44 -1.56 -1.85
C ARG A 100 -21.33 -1.48 -2.89
N GLY A 101 -21.54 -2.13 -4.04
CA GLY A 101 -20.62 -1.94 -5.15
C GLY A 101 -19.52 -2.95 -5.28
N ASP A 102 -18.44 -2.55 -5.94
CA ASP A 102 -17.29 -3.42 -6.15
C ASP A 102 -16.28 -3.22 -5.04
N PHE A 103 -15.51 -4.27 -4.78
CA PHE A 103 -14.46 -4.23 -3.77
C PHE A 103 -13.21 -4.88 -4.28
N ASP A 104 -12.07 -4.32 -3.91
CA ASP A 104 -10.78 -4.89 -4.25
C ASP A 104 -10.27 -5.79 -3.11
N LEU A 105 -10.72 -5.52 -1.90
CA LEU A 105 -10.16 -6.16 -0.73
C LEU A 105 -11.28 -6.43 0.27
N ILE A 106 -11.40 -7.67 0.71
CA ILE A 106 -12.47 -8.04 1.62
C ILE A 106 -11.92 -8.74 2.84
N PHE A 107 -12.25 -8.21 4.01
CA PHE A 107 -11.94 -8.88 5.26
C PHE A 107 -13.17 -9.55 5.82
N VAL A 108 -13.04 -10.83 6.12
CA VAL A 108 -14.11 -11.59 6.78
C VAL A 108 -13.67 -11.97 8.18
N MET A 109 -14.28 -11.33 9.15
CA MET A 109 -13.85 -11.42 10.54
C MET A 109 -14.83 -12.24 11.35
N THR A 110 -14.30 -13.26 12.01
CA THR A 110 -15.11 -14.18 12.78
C THR A 110 -14.24 -14.94 13.78
N SER A 111 -14.87 -15.46 14.84
CA SER A 111 -14.24 -16.53 15.62
C SER A 111 -14.47 -17.85 14.88
N VAL A 112 -13.62 -18.83 15.15
CA VAL A 112 -13.78 -20.12 14.53
C VAL A 112 -14.57 -21.07 15.42
N SER A 113 -14.89 -20.65 16.64
CA SER A 113 -15.46 -21.53 17.68
C SER A 113 -16.97 -21.44 17.90
N GLY A 114 -17.59 -20.35 17.48
CA GLY A 114 -19.01 -20.23 17.67
C GLY A 114 -19.78 -21.00 16.60
N GLY A 115 -21.08 -20.75 16.54
CA GLY A 115 -21.93 -21.44 15.59
C GLY A 115 -22.22 -20.60 14.36
N THR A 116 -22.35 -19.29 14.55
CA THR A 116 -22.73 -18.43 13.43
C THR A 116 -21.52 -18.02 12.59
N GLY A 117 -20.58 -17.32 13.23
CA GLY A 117 -19.42 -16.85 12.51
C GLY A 117 -18.68 -17.97 11.80
N SER A 118 -18.39 -19.02 12.55
CA SER A 118 -17.53 -20.08 12.08
C SER A 118 -18.12 -20.88 10.92
N SER A 119 -19.45 -20.88 10.79
CA SER A 119 -20.11 -21.63 9.71
C SER A 119 -20.44 -20.75 8.51
N PHE A 120 -20.97 -19.56 8.78
CA PHE A 120 -21.27 -18.60 7.72
C PHE A 120 -20.02 -18.23 6.93
N SER A 121 -18.92 -18.01 7.64
CA SER A 121 -17.77 -17.35 7.04
C SER A 121 -17.14 -18.12 5.89
N PRO A 122 -16.84 -19.41 6.08
CA PRO A 122 -16.31 -20.16 4.93
C PRO A 122 -17.30 -20.22 3.79
N LEU A 123 -18.59 -20.32 4.11
CA LEU A 123 -19.63 -20.37 3.08
C LEU A 123 -19.70 -19.08 2.32
N MET A 124 -19.63 -17.98 3.07
CA MET A 124 -19.71 -16.64 2.50
C MET A 124 -18.48 -16.34 1.64
N ILE A 125 -17.32 -16.82 2.06
CA ILE A 125 -16.11 -16.57 1.29
C ILE A 125 -16.21 -17.30 -0.05
N HIS A 126 -16.72 -18.53 -0.02
CA HIS A 126 -16.89 -19.29 -1.24
C HIS A 126 -17.70 -18.49 -2.26
N GLU A 127 -18.82 -17.96 -1.81
CA GLU A 127 -19.68 -17.20 -2.68
C GLU A 127 -19.05 -15.89 -3.15
N LEU A 128 -18.33 -15.24 -2.25
CA LEU A 128 -17.67 -13.97 -2.56
C LEU A 128 -16.59 -14.12 -3.63
N LYS A 129 -15.84 -15.22 -3.57
CA LYS A 129 -14.77 -15.46 -4.53
C LYS A 129 -15.33 -15.60 -5.94
N LYS A 130 -16.52 -16.19 -6.05
CA LYS A 130 -17.21 -16.28 -7.34
C LYS A 130 -17.60 -14.90 -7.87
N ARG A 131 -18.09 -14.03 -7.00
CA ARG A 131 -18.65 -12.75 -7.41
C ARG A 131 -17.60 -11.67 -7.60
N TYR A 132 -16.53 -11.75 -6.83
CA TYR A 132 -15.45 -10.76 -6.89
C TYR A 132 -14.15 -11.49 -7.19
N LYS A 133 -14.01 -11.97 -8.42
CA LYS A 133 -12.92 -12.88 -8.80
C LYS A 133 -11.57 -12.23 -8.67
N ASN A 134 -11.53 -10.92 -8.86
CA ASN A 134 -10.29 -10.18 -8.80
C ASN A 134 -9.95 -9.71 -7.39
N ALA A 135 -10.85 -9.95 -6.44
CA ALA A 135 -10.66 -9.46 -5.07
C ALA A 135 -9.68 -10.26 -4.22
N THR A 136 -9.03 -9.56 -3.30
CA THR A 136 -8.22 -10.20 -2.28
C THR A 136 -9.14 -10.39 -1.08
N ILE A 137 -9.37 -11.64 -0.70
CA ILE A 137 -10.32 -11.96 0.37
C ILE A 137 -9.58 -12.60 1.53
N VAL A 138 -9.60 -11.94 2.69
CA VAL A 138 -8.78 -12.34 3.81
C VAL A 138 -9.61 -12.62 5.06
N PRO A 139 -9.69 -13.89 5.46
CA PRO A 139 -10.32 -14.12 6.75
C PRO A 139 -9.44 -13.73 7.93
N ILE A 140 -10.09 -13.16 8.93
CA ILE A 140 -9.49 -12.89 10.23
C ILE A 140 -10.11 -13.90 11.18
N ALA A 141 -9.34 -14.93 11.55
CA ALA A 141 -9.87 -16.06 12.32
C ALA A 141 -9.48 -16.03 13.79
N VAL A 142 -10.45 -15.83 14.68
CA VAL A 142 -10.15 -15.73 16.11
C VAL A 142 -10.26 -17.10 16.82
N LEU A 143 -9.16 -17.55 17.41
CA LEU A 143 -9.08 -18.88 18.07
C LEU A 143 -9.56 -18.84 19.49
N PRO A 144 -10.08 -19.98 20.01
CA PRO A 144 -10.66 -20.01 21.35
C PRO A 144 -9.65 -19.89 22.47
N PHE A 145 -10.12 -19.53 23.66
CA PHE A 145 -9.31 -19.69 24.88
C PHE A 145 -9.04 -21.18 25.07
N ARG A 146 -7.85 -21.52 25.56
CA ARG A 146 -7.42 -22.92 25.77
C ARG A 146 -8.42 -23.77 26.54
N GLU A 147 -8.94 -23.23 27.64
CA GLU A 147 -9.84 -24.00 28.47
C GLU A 147 -11.28 -23.61 28.23
N GLU A 148 -11.58 -23.12 27.04
CA GLU A 148 -12.96 -23.09 26.61
C GLU A 148 -13.38 -24.52 26.33
N GLY A 149 -14.70 -24.73 26.33
CA GLY A 149 -15.25 -26.07 26.28
C GLY A 149 -14.97 -26.91 25.05
N THR A 150 -15.45 -28.15 25.14
CA THR A 150 -15.29 -29.15 24.11
C THR A 150 -15.84 -28.74 22.75
N ILE A 151 -17.04 -28.17 22.75
CA ILE A 151 -17.69 -27.73 21.53
C ILE A 151 -16.91 -26.63 20.84
N TYR A 152 -16.41 -25.69 21.62
CA TYR A 152 -15.61 -24.60 21.10
C TYR A 152 -14.37 -25.15 20.36
N LEU A 153 -13.69 -26.11 21.00
CA LEU A 153 -12.50 -26.69 20.40
C LEU A 153 -12.81 -27.48 19.13
N GLN A 154 -13.90 -28.22 19.16
CA GLN A 154 -14.31 -29.02 18.01
C GLN A 154 -14.70 -28.17 16.83
N ASN A 155 -15.48 -27.14 17.11
CA ASN A 155 -15.91 -26.20 16.09
C ASN A 155 -14.70 -25.55 15.45
N ALA A 156 -13.73 -25.18 16.30
CA ALA A 156 -12.52 -24.52 15.83
C ALA A 156 -11.78 -25.38 14.81
N ALA A 157 -11.59 -26.65 15.15
CA ALA A 157 -10.86 -27.57 14.27
C ALA A 157 -11.49 -27.70 12.91
N PHE A 158 -12.81 -27.90 12.88
CA PHE A 158 -13.50 -28.04 11.60
C PHE A 158 -13.64 -26.73 10.81
N CYS A 159 -13.76 -25.63 11.54
CA CYS A 159 -13.85 -24.33 10.87
C CYS A 159 -12.55 -24.01 10.15
N LEU A 160 -11.44 -24.19 10.85
CA LEU A 160 -10.12 -23.92 10.25
C LEU A 160 -9.89 -24.77 8.99
N ARG A 161 -10.35 -26.02 9.03
CA ARG A 161 -10.28 -26.88 7.86
C ARG A 161 -11.05 -26.31 6.68
N GLU A 162 -12.29 -25.89 6.91
CA GLU A 162 -13.07 -25.31 5.83
C GLU A 162 -12.49 -24.03 5.25
N MET A 163 -11.87 -23.21 6.11
CA MET A 163 -11.24 -21.96 5.69
C MET A 163 -10.14 -22.21 4.67
N ILE A 164 -9.27 -23.16 4.99
CA ILE A 164 -8.21 -23.57 4.09
C ILE A 164 -8.79 -24.12 2.79
N GLU A 165 -9.80 -24.97 2.94
CA GLU A 165 -10.47 -25.60 1.82
C GLU A 165 -11.09 -24.60 0.84
N VAL A 166 -11.59 -23.49 1.35
CA VAL A 166 -12.30 -22.55 0.49
C VAL A 166 -11.32 -21.66 -0.30
N GLU A 167 -10.04 -21.80 -0.01
CA GLU A 167 -8.96 -21.15 -0.77
C GLU A 167 -9.07 -19.63 -0.82
N ALA A 168 -9.18 -19.02 0.34
CA ALA A 168 -9.12 -17.58 0.46
C ALA A 168 -7.67 -17.14 0.27
N ASP A 169 -7.41 -15.83 0.34
CA ASP A 169 -6.04 -15.35 0.27
C ASP A 169 -5.40 -15.31 1.65
N GLY A 170 -5.06 -16.48 2.18
CA GLY A 170 -4.38 -16.49 3.45
C GLY A 170 -5.40 -16.35 4.55
N MET A 171 -4.91 -16.23 5.76
CA MET A 171 -5.79 -16.13 6.89
C MET A 171 -5.01 -15.47 8.00
N ILE A 172 -5.59 -14.47 8.63
CA ILE A 172 -4.91 -13.90 9.78
C ILE A 172 -5.39 -14.53 11.08
N LEU A 173 -4.48 -15.16 11.79
CA LEU A 173 -4.81 -15.86 13.03
C LEU A 173 -4.77 -14.92 14.22
N VAL A 174 -5.82 -14.94 15.03
CA VAL A 174 -5.88 -14.18 16.26
C VAL A 174 -6.07 -15.20 17.40
N ASP A 175 -5.09 -15.31 18.27
CA ASP A 175 -5.13 -16.32 19.34
C ASP A 175 -5.62 -15.72 20.66
N ASN A 176 -6.89 -15.95 20.99
CA ASN A 176 -7.44 -15.41 22.23
C ASN A 176 -6.63 -15.82 23.45
N GLN A 177 -6.10 -17.04 23.43
CA GLN A 177 -5.39 -17.57 24.59
C GLN A 177 -4.12 -16.80 24.85
N TYR A 178 -3.31 -16.66 23.80
CA TYR A 178 -2.05 -15.95 23.95
C TYR A 178 -2.30 -14.49 24.33
N LEU A 179 -3.40 -13.92 23.83
CA LEU A 179 -3.67 -12.51 24.03
C LEU A 179 -4.47 -12.25 25.31
N LYS A 180 -4.97 -13.34 25.90
CA LYS A 180 -5.78 -13.32 27.12
C LYS A 180 -5.17 -12.49 28.23
N ARG A 181 -5.97 -11.57 28.76
CA ARG A 181 -5.57 -10.67 29.85
C ARG A 181 -6.80 -10.42 30.69
N PHE A 182 -6.58 -9.87 31.89
CA PHE A 182 -7.66 -9.52 32.82
C PHE A 182 -8.36 -10.72 33.43
N SER A 183 -7.66 -11.84 33.55
CA SER A 183 -8.11 -12.93 34.42
C SER A 183 -9.54 -13.40 34.09
N GLY A 184 -10.47 -13.16 35.02
CA GLY A 184 -11.86 -13.54 34.83
C GLY A 184 -12.74 -12.48 34.18
N ASP A 185 -12.18 -11.28 33.98
CA ASP A 185 -12.90 -10.20 33.32
C ASP A 185 -12.83 -10.38 31.80
N ILE A 186 -13.71 -11.23 31.28
CA ILE A 186 -13.72 -11.59 29.87
C ILE A 186 -14.07 -10.42 28.96
N ALA A 187 -14.91 -9.51 29.45
CA ALA A 187 -15.29 -8.34 28.69
C ALA A 187 -14.06 -7.46 28.45
N SER A 188 -13.21 -7.30 29.47
CA SER A 188 -11.99 -6.51 29.28
C SER A 188 -10.99 -7.23 28.38
N ALA A 189 -10.93 -8.55 28.49
CA ALA A 189 -10.07 -9.35 27.63
C ALA A 189 -10.46 -9.17 26.17
N TYR A 190 -11.74 -9.33 25.88
CA TYR A 190 -12.26 -9.13 24.55
C TYR A 190 -11.93 -7.72 24.04
N ASP A 191 -12.18 -6.72 24.87
CA ASP A 191 -11.89 -5.35 24.47
C ASP A 191 -10.42 -5.14 24.13
N ARG A 192 -9.52 -5.69 24.94
CA ARG A 192 -8.10 -5.55 24.62
C ARG A 192 -7.79 -6.21 23.28
N ILE A 193 -8.23 -7.44 23.12
CA ILE A 193 -7.95 -8.17 21.89
C ILE A 193 -8.55 -7.46 20.68
N ASN A 194 -9.84 -7.12 20.77
CA ASN A 194 -10.54 -6.50 19.67
C ASN A 194 -9.87 -5.18 19.28
N THR A 195 -9.43 -4.43 20.28
CA THR A 195 -8.74 -3.16 20.01
C THR A 195 -7.43 -3.39 19.26
N MET A 196 -6.70 -4.44 19.63
CA MET A 196 -5.44 -4.76 18.97
C MET A 196 -5.66 -5.21 17.54
N VAL A 197 -6.72 -5.99 17.30
CA VAL A 197 -7.00 -6.47 15.96
C VAL A 197 -7.36 -5.30 15.08
N ALA A 198 -8.31 -4.49 15.55
CA ALA A 198 -8.77 -3.33 14.81
C ALA A 198 -7.62 -2.37 14.49
N GLN A 199 -6.74 -2.16 15.47
CA GLN A 199 -5.63 -1.23 15.29
C GLN A 199 -4.74 -1.71 14.16
N ARG A 200 -4.44 -3.00 14.18
CA ARG A 200 -3.61 -3.59 13.16
C ARG A 200 -4.26 -3.60 11.78
N LEU A 201 -5.57 -3.88 11.69
CA LEU A 201 -6.24 -3.91 10.40
C LEU A 201 -6.31 -2.53 9.76
N LEU A 202 -6.59 -1.54 10.60
CA LEU A 202 -6.64 -0.15 10.14
C LEU A 202 -5.28 0.33 9.66
N PHE A 203 -4.23 -0.05 10.37
CA PHE A 203 -2.86 0.26 9.95
C PHE A 203 -2.63 -0.44 8.59
N LEU A 204 -2.99 -1.71 8.48
CA LEU A 204 -2.82 -2.46 7.23
C LEU A 204 -3.51 -1.78 6.03
N ILE A 205 -4.76 -1.38 6.22
CA ILE A 205 -5.51 -0.71 5.19
C ILE A 205 -4.86 0.62 4.80
N GLU A 206 -4.48 1.41 5.80
CA GLU A 206 -3.76 2.68 5.57
C GLU A 206 -2.48 2.48 4.75
N ALA A 207 -1.67 1.52 5.15
CA ALA A 207 -0.44 1.19 4.46
C ALA A 207 -0.73 0.82 3.01
N LEU A 208 -1.67 -0.10 2.80
CA LEU A 208 -2.01 -0.52 1.43
C LEU A 208 -2.55 0.64 0.60
N ASP A 209 -3.26 1.57 1.24
CA ASP A 209 -3.87 2.65 0.50
C ASP A 209 -2.96 3.81 0.16
N SER A 210 -1.95 4.04 0.97
CA SER A 210 -1.14 5.23 0.81
C SER A 210 -0.06 5.06 -0.26
N GLU A 211 0.44 3.85 -0.42
CA GLU A 211 1.47 3.61 -1.42
C GLU A 211 0.86 3.16 -2.75
N MET A 212 -0.46 3.27 -2.87
CA MET A 212 -1.16 2.64 -3.98
C MET A 212 -1.32 3.52 -5.22
N LEU A 213 -0.97 2.96 -6.37
CA LEU A 213 -1.14 3.64 -7.63
C LEU A 213 -2.11 2.82 -8.48
N SER A 214 -2.18 1.53 -8.17
CA SER A 214 -3.07 0.61 -8.86
C SER A 214 -3.48 -0.49 -7.89
N VAL A 215 -4.62 -1.11 -8.15
CA VAL A 215 -5.08 -2.23 -7.34
C VAL A 215 -4.09 -3.41 -7.36
N THR A 216 -3.34 -3.57 -8.45
CA THR A 216 -2.28 -4.60 -8.52
C THR A 216 -1.20 -4.41 -7.45
N ASP A 217 -1.25 -3.28 -6.75
CA ASP A 217 -0.33 -3.03 -5.66
C ASP A 217 -0.66 -3.90 -4.45
N LEU A 218 -1.80 -4.60 -4.49
CA LEU A 218 -2.13 -5.58 -3.45
C LEU A 218 -1.36 -6.87 -3.65
N GLY A 219 -0.55 -6.90 -4.70
CA GLY A 219 0.20 -8.05 -5.15
C GLY A 219 1.16 -8.62 -4.13
N ASP A 220 1.96 -7.74 -3.53
CA ASP A 220 2.94 -8.13 -2.53
C ASP A 220 2.26 -8.71 -1.28
N PHE A 221 1.20 -8.04 -0.86
CA PHE A 221 0.40 -8.52 0.26
C PHE A 221 -0.15 -9.92 -0.04
N LYS A 222 -0.74 -10.09 -1.21
CA LYS A 222 -1.26 -11.40 -1.58
C LYS A 222 -0.16 -12.45 -1.58
N THR A 223 1.01 -12.07 -2.11
CA THR A 223 2.16 -12.99 -2.17
C THR A 223 2.55 -13.53 -0.79
N VAL A 224 2.58 -12.64 0.20
CA VAL A 224 2.83 -13.04 1.58
C VAL A 224 1.70 -13.95 2.09
N MET A 225 0.45 -13.51 1.94
CA MET A 225 -0.69 -14.22 2.55
C MET A 225 -0.88 -15.62 1.97
N ASN A 226 -0.48 -15.79 0.72
CA ASN A 226 -0.64 -17.07 0.06
C ASN A 226 0.59 -17.95 0.13
N GLY A 227 1.56 -17.57 0.95
CA GLY A 227 2.75 -18.38 1.08
C GLY A 227 2.55 -19.51 2.09
N GLY A 228 3.45 -20.49 2.05
CA GLY A 228 3.50 -21.50 3.09
C GLY A 228 2.18 -22.19 3.39
N LEU A 229 1.76 -22.15 4.66
CA LEU A 229 0.50 -22.74 5.12
C LEU A 229 -0.75 -21.99 4.71
N ARG A 230 -0.56 -20.79 4.16
CA ARG A 230 -1.66 -19.87 3.82
C ARG A 230 -2.39 -19.42 5.07
N MET A 231 -1.63 -19.37 6.16
CA MET A 231 -2.11 -18.80 7.40
C MET A 231 -1.00 -17.93 7.92
N GLY A 232 -1.38 -16.90 8.65
CA GLY A 232 -0.39 -15.98 9.17
C GLY A 232 -0.97 -15.16 10.27
N THR A 233 -0.35 -14.03 10.53
CA THR A 233 -0.81 -13.15 11.59
C THR A 233 -0.26 -11.76 11.35
N LEU A 234 -0.65 -10.83 12.22
CA LEU A 234 -0.15 -9.46 12.16
C LEU A 234 0.65 -9.16 13.43
N GLY A 235 1.80 -8.53 13.24
CA GLY A 235 2.58 -8.02 14.37
C GLY A 235 2.57 -6.49 14.39
N TYR A 236 2.88 -5.91 15.54
CA TYR A 236 2.71 -4.48 15.69
C TYR A 236 3.58 -3.99 16.81
N TYR A 237 4.13 -2.80 16.63
CA TYR A 237 4.83 -2.12 17.71
C TYR A 237 4.83 -0.64 17.49
N GLN A 238 4.38 0.08 18.51
CA GLN A 238 4.43 1.54 18.51
C GLN A 238 5.61 1.99 19.38
N ALA A 239 6.60 2.63 18.78
CA ALA A 239 7.75 3.16 19.52
C ALA A 239 7.42 4.42 20.31
N ASP A 240 8.19 4.71 21.36
CA ASP A 240 7.98 5.95 22.08
C ASP A 240 9.05 6.94 21.66
N LYS A 241 8.86 8.20 22.02
CA LYS A 241 9.74 9.33 21.69
C LYS A 241 11.16 9.12 22.21
N LYS A 242 11.27 8.56 23.41
CA LYS A 242 12.55 8.27 24.02
C LYS A 242 13.39 7.41 23.09
N SER A 243 12.87 6.23 22.75
CA SER A 243 13.58 5.28 21.90
C SER A 243 12.84 4.99 20.61
N PRO A 244 13.13 5.77 19.57
CA PRO A 244 12.52 5.70 18.24
C PRO A 244 13.26 4.74 17.30
N SER A 245 14.18 3.93 17.85
CA SER A 245 14.99 3.01 17.06
C SER A 245 14.14 2.11 16.16
N ILE A 246 14.38 2.21 14.85
CA ILE A 246 13.62 1.43 13.87
C ILE A 246 13.99 -0.04 13.99
N ARG A 247 15.26 -0.31 14.23
CA ARG A 247 15.72 -1.67 14.44
C ARG A 247 14.94 -2.34 15.57
N ALA A 248 14.82 -1.63 16.68
CA ALA A 248 14.10 -2.19 17.83
C ALA A 248 12.62 -2.28 17.50
N ALA A 249 12.11 -1.24 16.84
CA ALA A 249 10.72 -1.25 16.43
C ALA A 249 10.44 -2.43 15.51
N ILE A 250 11.31 -2.70 14.52
CA ILE A 250 11.12 -3.84 13.61
C ILE A 250 11.16 -5.16 14.34
N LYS A 251 12.16 -5.38 15.20
CA LYS A 251 12.25 -6.60 16.02
C LYS A 251 11.07 -6.87 16.93
N ASN A 252 10.61 -5.82 17.64
CA ASN A 252 9.51 -5.93 18.61
C ASN A 252 8.13 -6.30 18.02
N SER A 253 7.91 -5.96 16.75
CA SER A 253 6.71 -6.33 15.98
C SER A 253 6.81 -7.75 15.48
N LEU A 254 8.02 -8.33 15.54
CA LEU A 254 8.17 -9.71 15.11
C LEU A 254 8.37 -10.67 16.26
N ARG A 255 8.32 -10.19 17.49
CA ARG A 255 8.53 -11.12 18.57
C ARG A 255 7.14 -11.50 19.00
N GLU A 256 7.02 -12.64 19.67
CA GLU A 256 5.72 -13.22 20.02
C GLU A 256 4.79 -12.23 20.67
N VAL A 257 5.33 -11.48 21.64
CA VAL A 257 4.56 -10.49 22.40
C VAL A 257 3.94 -9.44 21.46
N GLY A 258 4.48 -9.30 20.26
CA GLY A 258 4.04 -8.29 19.32
C GLY A 258 2.98 -8.81 18.34
N LEU A 259 2.88 -10.15 18.25
CA LEU A 259 2.02 -10.84 17.29
C LEU A 259 0.60 -11.13 17.83
N LEU A 260 -0.39 -11.32 16.95
CA LEU A 260 -1.74 -11.67 17.38
C LEU A 260 -1.86 -13.19 17.63
N TYR A 261 -0.87 -13.91 17.13
CA TYR A 261 -0.77 -15.34 17.26
C TYR A 261 0.73 -15.58 17.53
N PRO A 262 1.05 -16.39 18.56
CA PRO A 262 2.44 -16.55 19.02
C PRO A 262 3.34 -17.39 18.11
N ALA A 263 3.52 -16.97 16.86
CA ALA A 263 4.50 -17.62 15.99
C ALA A 263 5.92 -17.30 16.47
N ASN A 264 6.83 -18.26 16.31
CA ASN A 264 8.22 -18.07 16.71
C ASN A 264 9.07 -17.82 15.48
N VAL A 265 9.29 -16.55 15.17
CA VAL A 265 10.06 -16.15 14.01
C VAL A 265 11.53 -16.59 14.10
N ASP A 266 12.12 -16.52 15.29
CA ASP A 266 13.51 -16.93 15.43
C ASP A 266 13.68 -18.42 15.11
N ALA A 267 12.63 -19.19 15.28
CA ALA A 267 12.66 -20.63 14.99
C ALA A 267 12.44 -20.93 13.50
N GLY A 268 12.20 -19.89 12.71
CA GLY A 268 11.95 -20.05 11.29
C GLY A 268 10.54 -20.49 10.90
N GLU A 269 9.56 -20.21 11.74
CA GLU A 269 8.17 -20.55 11.47
C GLU A 269 7.49 -19.65 10.43
N ALA A 270 8.10 -18.50 10.15
CA ALA A 270 7.57 -17.57 9.15
C ALA A 270 8.35 -17.69 7.85
N GLY A 271 7.64 -17.98 6.76
CA GLY A 271 8.27 -18.07 5.45
C GLY A 271 8.35 -16.76 4.68
N ARG A 272 7.31 -15.94 4.80
CA ARG A 272 7.24 -14.65 4.13
C ARG A 272 6.75 -13.57 5.08
N ALA A 273 7.16 -12.34 4.82
CA ALA A 273 6.69 -11.20 5.61
C ALA A 273 6.62 -9.89 4.79
N MET A 274 5.71 -9.03 5.21
CA MET A 274 5.65 -7.65 4.72
C MET A 274 5.84 -6.77 5.97
N ILE A 275 6.88 -5.95 5.98
CA ILE A 275 7.13 -5.04 7.09
C ILE A 275 6.84 -3.60 6.66
N VAL A 276 5.94 -2.92 7.35
CA VAL A 276 5.60 -1.54 7.04
C VAL A 276 6.07 -0.66 8.17
N ILE A 277 6.89 0.34 7.85
CA ILE A 277 7.36 1.33 8.82
C ILE A 277 6.65 2.65 8.57
N GLN A 278 6.03 3.18 9.60
CA GLN A 278 5.29 4.42 9.46
C GLN A 278 5.74 5.42 10.52
N GLY A 279 5.94 6.67 10.12
CA GLY A 279 6.27 7.68 11.11
C GLY A 279 6.77 8.96 10.47
N SER A 280 7.07 9.97 11.30
CA SER A 280 7.61 11.24 10.79
C SER A 280 8.85 10.99 9.97
N ARG A 281 9.02 11.78 8.92
CA ARG A 281 10.11 11.60 7.98
C ARG A 281 11.47 11.59 8.70
N GLU A 282 11.61 12.43 9.73
CA GLU A 282 12.93 12.54 10.36
C GLU A 282 13.36 11.23 11.03
N TYR A 283 12.40 10.37 11.35
CA TYR A 283 12.74 9.09 11.94
C TYR A 283 13.12 8.02 10.93
N LEU A 284 12.91 8.29 9.65
CA LEU A 284 13.00 7.25 8.60
C LEU A 284 14.29 7.30 7.81
N ASN A 285 15.21 6.41 8.15
CA ASN A 285 16.47 6.27 7.46
C ASN A 285 16.36 5.05 6.57
N VAL A 286 16.18 5.28 5.28
CA VAL A 286 15.98 4.18 4.33
C VAL A 286 17.10 3.16 4.33
N ASP A 287 18.32 3.63 4.42
CA ASP A 287 19.49 2.76 4.46
C ASP A 287 19.47 1.88 5.68
N GLU A 288 19.19 2.46 6.84
CA GLU A 288 19.08 1.69 8.08
C GLU A 288 17.94 0.67 7.99
N ILE A 289 16.79 1.09 7.48
CA ILE A 289 15.64 0.19 7.39
C ILE A 289 15.98 -0.99 6.49
N THR A 290 16.61 -0.68 5.37
CA THR A 290 17.01 -1.69 4.40
C THR A 290 17.95 -2.72 5.02
N LYS A 291 18.92 -2.24 5.78
CA LYS A 291 19.88 -3.10 6.47
C LYS A 291 19.17 -4.01 7.47
N GLU A 292 18.21 -3.45 8.21
CA GLU A 292 17.43 -4.27 9.13
C GLU A 292 16.60 -5.33 8.42
N ILE A 293 16.01 -4.97 7.28
CA ILE A 293 15.21 -5.93 6.54
C ILE A 293 16.10 -7.05 6.04
N GLU A 294 17.26 -6.69 5.50
CA GLU A 294 18.23 -7.69 5.05
C GLU A 294 18.53 -8.73 6.14
N SER A 295 18.61 -8.27 7.39
CA SER A 295 18.84 -9.17 8.53
C SER A 295 17.78 -10.24 8.62
N LEU A 296 16.52 -9.87 8.41
CA LEU A 296 15.38 -10.77 8.54
C LEU A 296 15.39 -11.95 7.60
N THR A 297 16.06 -11.78 6.46
CA THR A 297 16.12 -12.84 5.46
C THR A 297 16.91 -14.04 5.99
N GLU A 298 17.53 -13.85 7.14
CA GLU A 298 18.21 -14.95 7.84
C GLU A 298 17.15 -15.90 8.39
N THR A 299 16.07 -15.34 8.92
CA THR A 299 15.07 -16.19 9.55
C THR A 299 13.80 -16.27 8.73
N ILE A 300 13.60 -15.29 7.85
CA ILE A 300 12.40 -15.21 7.01
C ILE A 300 12.77 -15.21 5.52
N GLY A 301 12.33 -16.21 4.78
CA GLY A 301 12.65 -16.32 3.36
C GLY A 301 12.50 -15.12 2.42
N HIS A 302 11.32 -14.53 2.40
CA HIS A 302 11.05 -13.37 1.54
C HIS A 302 10.44 -12.24 2.34
N VAL A 303 11.08 -11.08 2.37
CA VAL A 303 10.54 -9.95 3.10
C VAL A 303 10.31 -8.76 2.19
N PHE A 304 9.09 -8.23 2.19
CA PHE A 304 8.78 -7.00 1.47
C PHE A 304 8.68 -5.88 2.48
N LYS A 305 9.00 -4.68 2.05
CA LYS A 305 8.97 -3.57 2.97
C LYS A 305 8.27 -2.40 2.36
N GLY A 306 7.65 -1.60 3.23
CA GLY A 306 6.98 -0.39 2.83
C GLY A 306 7.28 0.68 3.85
N ILE A 307 7.50 1.90 3.38
CA ILE A 307 7.65 3.03 4.28
C ILE A 307 6.50 4.00 4.05
N VAL A 308 5.84 4.42 5.12
CA VAL A 308 4.76 5.38 5.01
C VAL A 308 5.07 6.59 5.87
N ILE A 309 5.18 7.75 5.25
CA ILE A 309 5.42 8.95 5.99
C ILE A 309 4.12 9.48 6.56
N LYS A 310 4.10 9.67 7.86
CA LYS A 310 2.94 10.20 8.52
C LYS A 310 3.42 10.66 9.88
N LYS A 311 3.07 11.89 10.24
CA LYS A 311 3.54 12.50 11.49
C LYS A 311 3.29 11.64 12.72
N GLY A 312 4.37 11.33 13.43
CA GLY A 312 4.27 10.60 14.67
C GLY A 312 5.52 9.81 14.98
N GLU A 313 5.58 9.31 16.22
CA GLU A 313 6.64 8.40 16.62
C GLU A 313 6.43 7.11 15.81
N PRO A 314 7.53 6.50 15.34
CA PRO A 314 7.41 5.37 14.43
C PRO A 314 6.65 4.16 15.00
N ARG A 315 5.92 3.49 14.11
CA ARG A 315 5.28 2.23 14.44
C ARG A 315 5.52 1.27 13.27
N VAL A 316 5.49 -0.01 13.58
CA VAL A 316 5.77 -1.03 12.60
C VAL A 316 4.64 -2.04 12.59
N LEU A 317 4.22 -2.38 11.39
CA LEU A 317 3.31 -3.47 11.18
C LEU A 317 4.03 -4.58 10.44
N SER A 318 3.90 -5.79 10.93
CA SER A 318 4.43 -6.94 10.23
C SER A 318 3.30 -7.88 9.81
N VAL A 319 3.34 -8.31 8.56
CA VAL A 319 2.38 -9.29 8.08
C VAL A 319 3.21 -10.51 7.86
N LEU A 320 2.90 -11.57 8.60
CA LEU A 320 3.66 -12.81 8.56
C LEU A 320 2.85 -13.91 7.91
N SER A 321 3.54 -14.74 7.15
CA SER A 321 3.01 -15.96 6.60
C SER A 321 3.72 -17.15 7.25
N LEU A 322 2.98 -18.17 7.67
CA LEU A 322 3.59 -19.29 8.41
C LEU A 322 3.97 -20.46 7.50
N GLU A 323 5.14 -21.05 7.76
CA GLU A 323 5.51 -22.34 7.18
C GLU A 323 5.03 -23.47 8.08
N ARG A 324 5.14 -23.26 9.39
CA ARG A 324 4.76 -24.24 10.40
C ARG A 324 3.90 -23.57 11.48
N ALA A 325 2.99 -24.32 12.08
CA ALA A 325 2.13 -23.80 13.12
C ALA A 325 1.88 -24.82 14.23
N PRO A 326 2.90 -25.12 15.04
CA PRO A 326 2.72 -26.14 16.10
C PRO A 326 1.60 -25.79 17.06
N GLY A 327 1.35 -24.50 17.28
CA GLY A 327 0.28 -24.07 18.16
C GLY A 327 -1.11 -24.54 17.71
N LEU A 328 -1.32 -24.53 16.41
CA LEU A 328 -2.56 -25.04 15.82
C LEU A 328 -2.68 -26.56 15.96
N VAL A 329 -1.55 -27.25 15.85
CA VAL A 329 -1.58 -28.71 16.01
C VAL A 329 -2.02 -29.06 17.43
N GLU A 330 -1.49 -28.33 18.39
CA GLU A 330 -1.87 -28.45 19.79
C GLU A 330 -3.37 -28.29 19.96
N LEU A 331 -3.94 -27.30 19.27
CA LEU A 331 -5.38 -27.04 19.31
C LEU A 331 -6.17 -28.23 18.77
N TYR A 332 -5.69 -28.78 17.66
CA TYR A 332 -6.34 -29.94 17.04
C TYR A 332 -6.36 -31.16 17.97
N GLU A 333 -5.22 -31.43 18.58
CA GLU A 333 -5.09 -32.55 19.50
C GLU A 333 -6.02 -32.39 20.70
N LYS A 334 -6.19 -31.16 21.18
CA LYS A 334 -7.10 -30.93 22.30
C LYS A 334 -8.57 -31.15 21.90
N ALA A 335 -8.92 -30.78 20.67
CA ALA A 335 -10.25 -31.06 20.16
C ALA A 335 -10.46 -32.57 20.10
N LYS A 336 -9.42 -33.25 19.61
CA LYS A 336 -9.40 -34.69 19.44
C LYS A 336 -9.53 -35.40 20.78
N TRP A 337 -8.78 -34.91 21.76
CA TRP A 337 -8.76 -35.49 23.09
C TRP A 337 -10.15 -35.33 23.70
N ALA A 338 -10.75 -34.18 23.45
CA ALA A 338 -12.09 -33.88 23.93
C ALA A 338 -13.18 -34.80 23.37
N ILE A 339 -13.21 -34.94 22.05
CA ILE A 339 -14.20 -35.78 21.37
C ILE A 339 -14.09 -37.21 21.89
N GLN A 340 -12.86 -37.70 22.00
CA GLN A 340 -12.60 -39.05 22.50
C GLN A 340 -13.08 -39.27 23.93
N GLU A 341 -12.77 -38.33 24.83
CA GLU A 341 -13.17 -38.45 26.23
C GLU A 341 -14.68 -38.61 26.40
N GLU A 342 -15.45 -37.96 25.55
CA GLU A 342 -16.90 -38.06 25.61
C GLU A 342 -17.36 -39.48 25.23
N ARG A 343 -16.62 -40.11 24.32
CA ARG A 343 -16.94 -41.46 23.89
C ARG A 343 -16.62 -42.50 24.97
N GLU A 344 -15.49 -42.31 25.65
CA GLU A 344 -15.08 -43.25 26.70
C GLU A 344 -16.03 -43.12 27.87
N ARG A 345 -16.50 -41.90 28.10
CA ARG A 345 -17.43 -41.64 29.17
C ARG A 345 -18.76 -42.35 28.90
N LYS A 346 -19.03 -42.61 27.63
CA LYS A 346 -20.25 -43.28 27.23
C LYS A 346 -20.06 -44.80 27.25
N ASP A 347 -18.80 -45.25 27.17
CA ASP A 347 -18.52 -46.68 27.27
C ASP A 347 -18.49 -47.18 28.70
N ARG A 348 -18.12 -46.30 29.62
CA ARG A 348 -18.01 -46.65 31.03
C ARG A 348 -19.40 -46.75 31.63
N ALA A 349 -20.33 -46.00 31.05
CA ALA A 349 -21.71 -46.03 31.49
C ALA A 349 -22.39 -47.30 30.98
N ARG A 350 -22.08 -47.69 29.74
CA ARG A 350 -22.64 -48.92 29.19
C ARG A 350 -22.02 -50.09 29.93
N SER A 351 -20.74 -49.94 30.26
CA SER A 351 -20.00 -50.99 30.93
C SER A 351 -20.47 -51.25 32.37
N GLU A 352 -20.72 -50.19 33.14
CA GLU A 352 -21.21 -50.36 34.50
C GLU A 352 -22.65 -50.86 34.50
N LEU A 353 -23.38 -50.49 33.46
CA LEU A 353 -24.76 -50.94 33.29
C LEU A 353 -24.79 -52.45 32.93
N TYR A 354 -23.86 -52.88 32.09
CA TYR A 354 -23.76 -54.32 31.77
C TYR A 354 -23.38 -55.07 33.04
N GLU A 355 -22.47 -54.47 33.81
CA GLU A 355 -21.94 -55.02 35.04
C GLU A 355 -23.02 -55.14 36.09
N ALA A 356 -23.86 -54.12 36.18
CA ALA A 356 -24.96 -54.11 37.13
C ALA A 356 -25.93 -55.24 36.84
N PHE A 357 -26.26 -55.42 35.57
CA PHE A 357 -27.14 -56.51 35.14
C PHE A 357 -26.61 -57.89 35.49
N GLU A 358 -25.31 -58.08 35.38
CA GLU A 358 -24.69 -59.35 35.74
C GLU A 358 -24.82 -59.56 37.25
N GLN A 359 -24.68 -58.46 37.98
CA GLN A 359 -24.81 -58.47 39.44
C GLN A 359 -26.26 -58.87 39.82
N ILE A 360 -27.24 -58.22 39.20
CA ILE A 360 -28.65 -58.54 39.41
C ILE A 360 -28.99 -59.99 39.12
N ASN A 361 -28.43 -60.52 38.04
CA ASN A 361 -28.67 -61.90 37.63
C ASN A 361 -28.25 -62.89 38.71
N ASP A 362 -27.06 -62.66 39.27
CA ASP A 362 -26.55 -63.46 40.38
C ASP A 362 -27.47 -63.34 41.58
N LEU A 363 -27.93 -62.12 41.87
CA LEU A 363 -28.84 -61.88 42.98
C LEU A 363 -30.17 -62.58 42.79
N GLU A 364 -30.78 -62.43 41.62
CA GLU A 364 -32.05 -63.10 41.36
C GLU A 364 -31.88 -64.62 41.41
N GLU A 365 -30.78 -65.12 40.84
CA GLU A 365 -30.49 -66.55 40.84
C GLU A 365 -30.32 -67.06 42.28
N ILE A 366 -29.81 -66.19 43.17
CA ILE A 366 -29.63 -66.57 44.57
C ILE A 366 -30.99 -66.61 45.26
N TYR A 367 -31.85 -65.67 44.86
CA TYR A 367 -33.22 -65.58 45.35
C TYR A 367 -34.08 -66.78 44.98
N HIS A 368 -34.04 -67.19 43.72
CA HIS A 368 -34.84 -68.32 43.29
C HIS A 368 -34.42 -69.64 43.94
N HIS A 369 -33.18 -69.71 44.43
CA HIS A 369 -32.70 -70.93 45.09
C HIS A 369 -33.09 -71.08 46.58
N HIS A 370 -33.58 -70.00 47.21
CA HIS A 370 -34.08 -70.11 48.58
C HIS A 370 -35.49 -70.68 48.61
N MET B 1 12.69 36.92 -5.87
CA MET B 1 12.87 36.60 -4.45
C MET B 1 13.05 35.13 -4.20
N LEU B 2 12.90 34.32 -5.24
CA LEU B 2 12.75 32.90 -5.05
C LEU B 2 14.11 32.25 -5.25
N ASN B 3 14.56 31.49 -4.26
CA ASN B 3 15.79 30.69 -4.37
C ASN B 3 15.44 29.29 -4.89
N VAL B 4 15.94 28.97 -6.06
CA VAL B 4 15.61 27.73 -6.71
C VAL B 4 16.85 26.84 -6.85
N LEU B 5 16.71 25.57 -6.53
CA LEU B 5 17.75 24.58 -6.78
C LEU B 5 17.30 23.58 -7.85
N MET B 6 18.12 23.35 -8.86
CA MET B 6 17.78 22.32 -9.83
C MET B 6 18.82 21.21 -9.87
N LEU B 7 18.37 19.98 -9.65
CA LEU B 7 19.25 18.84 -9.57
C LEU B 7 18.91 17.93 -10.72
N GLY B 8 19.87 17.75 -11.63
CA GLY B 8 19.71 16.85 -12.76
C GLY B 8 20.50 15.59 -12.48
N VAL B 9 19.78 14.49 -12.28
CA VAL B 9 20.37 13.27 -11.78
C VAL B 9 20.35 12.15 -12.84
N GLY B 10 21.51 11.58 -13.13
CA GLY B 10 21.60 10.59 -14.19
C GLY B 10 21.73 11.23 -15.56
N GLN B 11 21.91 10.41 -16.59
CA GLN B 11 22.09 10.92 -17.95
C GLN B 11 20.94 11.79 -18.40
N CYS B 12 19.72 11.29 -18.24
CA CYS B 12 18.55 12.04 -18.64
C CYS B 12 18.40 13.35 -17.86
N GLY B 13 18.48 13.25 -16.53
CA GLY B 13 18.45 14.42 -15.68
C GLY B 13 19.56 15.42 -16.00
N ASN B 14 20.77 14.91 -16.21
CA ASN B 14 21.90 15.77 -16.57
C ASN B 14 21.60 16.57 -17.83
N ARG B 15 21.07 15.91 -18.85
CA ARG B 15 20.83 16.55 -20.13
C ARG B 15 19.69 17.58 -20.07
N ILE B 16 18.64 17.30 -19.30
CA ILE B 16 17.58 18.30 -19.17
C ILE B 16 18.12 19.51 -18.43
N LEU B 17 18.93 19.26 -17.41
CA LEU B 17 19.57 20.36 -16.67
C LEU B 17 20.45 21.17 -17.62
N ASP B 18 21.18 20.50 -18.50
CA ASP B 18 22.03 21.21 -19.46
C ASP B 18 21.18 22.10 -20.38
N ALA B 19 20.04 21.60 -20.82
CA ALA B 19 19.09 22.37 -21.63
C ALA B 19 18.50 23.55 -20.87
N VAL B 20 18.30 23.41 -19.56
CA VAL B 20 17.84 24.53 -18.75
C VAL B 20 18.88 25.65 -18.78
N ASN B 21 20.14 25.30 -18.57
CA ASN B 21 21.23 26.27 -18.59
C ASN B 21 21.38 26.95 -19.93
N ARG B 22 21.21 26.18 -20.99
CA ARG B 22 21.24 26.70 -22.35
C ARG B 22 20.21 27.82 -22.56
N GLN B 23 18.94 27.53 -22.27
CA GLN B 23 17.88 28.49 -22.57
C GLN B 23 17.94 29.74 -21.73
N ALA B 24 18.50 29.65 -20.53
CA ALA B 24 18.63 30.83 -19.69
C ALA B 24 19.51 31.88 -20.38
N PHE B 25 20.44 31.41 -21.22
CA PHE B 25 21.29 32.29 -22.02
C PHE B 25 20.48 33.19 -22.94
N SER B 41 16.39 36.85 -8.33
CA SER B 41 16.17 35.52 -7.79
C SER B 41 17.29 34.56 -8.20
N ARG B 42 17.70 33.71 -7.26
CA ARG B 42 18.85 32.81 -7.43
C ARG B 42 18.49 31.38 -7.87
N VAL B 43 18.98 30.96 -9.04
CA VAL B 43 18.81 29.60 -9.51
C VAL B 43 20.14 28.84 -9.53
N GLU B 44 20.27 27.84 -8.65
CA GLU B 44 21.45 26.99 -8.61
C GLU B 44 21.18 25.68 -9.35
N THR B 45 22.17 25.19 -10.09
CA THR B 45 22.00 23.94 -10.84
C THR B 45 23.14 23.00 -10.50
N ILE B 46 22.82 21.74 -10.20
CA ILE B 46 23.84 20.70 -10.00
C ILE B 46 23.50 19.44 -10.77
N ALA B 47 24.41 19.04 -11.66
CA ALA B 47 24.29 17.78 -12.37
C ALA B 47 25.02 16.72 -11.60
N ILE B 48 24.29 15.68 -11.22
CA ILE B 48 24.82 14.58 -10.44
C ILE B 48 24.82 13.31 -11.27
N ASN B 49 25.93 12.57 -11.24
CA ASN B 49 26.01 11.31 -11.95
C ASN B 49 27.11 10.42 -11.42
N THR B 50 26.91 9.11 -11.60
CA THR B 50 27.87 8.08 -11.24
C THR B 50 28.72 7.75 -12.46
N ALA B 51 28.30 8.28 -13.60
CA ALA B 51 29.02 8.07 -14.86
C ALA B 51 29.70 9.36 -15.27
N ILE B 52 31.02 9.37 -15.16
CA ILE B 52 31.80 10.56 -15.40
C ILE B 52 31.71 11.00 -16.88
N ASN B 53 31.50 10.05 -17.78
CA ASN B 53 31.30 10.36 -19.20
C ASN B 53 30.14 11.36 -19.45
N ASP B 54 29.00 11.11 -18.80
CA ASP B 54 27.82 11.97 -18.97
C ASP B 54 28.06 13.40 -18.53
N LEU B 55 28.73 13.57 -17.38
CA LEU B 55 29.00 14.91 -16.88
C LEU B 55 29.94 15.65 -17.84
N LYS B 56 30.84 14.88 -18.46
CA LYS B 56 31.78 15.48 -19.41
C LYS B 56 31.08 16.00 -20.66
N GLU B 57 30.08 15.25 -21.15
CA GLU B 57 29.41 15.60 -22.39
C GLU B 57 28.52 16.83 -22.29
N LEU B 58 28.35 17.34 -21.08
CA LEU B 58 27.56 18.55 -20.89
C LEU B 58 28.30 19.74 -21.50
N LYS B 59 27.56 20.73 -21.96
CA LYS B 59 28.17 21.83 -22.70
C LYS B 59 27.77 23.20 -22.17
N PHE B 60 26.76 23.26 -21.32
CA PHE B 60 26.30 24.54 -20.82
C PHE B 60 26.28 24.61 -19.30
N THR B 61 26.89 23.62 -18.66
CA THR B 61 26.92 23.54 -17.21
C THR B 61 28.35 23.65 -16.66
N ALA B 62 28.57 24.55 -15.71
CA ALA B 62 29.89 24.77 -15.10
C ALA B 62 30.49 23.53 -14.44
N ALA B 63 31.82 23.47 -14.45
CA ALA B 63 32.54 22.34 -13.86
C ALA B 63 32.20 22.22 -12.39
N LYS B 64 32.04 23.35 -11.72
CA LYS B 64 31.69 23.37 -10.30
C LYS B 64 30.29 22.82 -10.07
N ASP B 65 29.49 22.74 -11.13
CA ASP B 65 28.12 22.22 -11.03
C ASP B 65 27.99 20.80 -11.56
N ARG B 66 29.11 20.14 -11.81
CA ARG B 66 29.05 18.76 -12.25
C ARG B 66 29.59 17.90 -11.13
N LEU B 67 28.70 17.24 -10.41
CA LEU B 67 29.11 16.50 -9.24
C LEU B 67 29.22 15.01 -9.58
N HIS B 68 30.45 14.53 -9.69
CA HIS B 68 30.66 13.12 -9.97
C HIS B 68 30.64 12.31 -8.69
N VAL B 69 29.92 11.21 -8.70
CA VAL B 69 29.84 10.35 -7.52
C VAL B 69 30.74 9.14 -7.75
N PRO B 70 31.92 9.15 -7.11
CA PRO B 70 33.06 8.25 -7.29
C PRO B 70 32.76 6.80 -6.97
N ASN B 71 33.32 5.90 -7.78
CA ASN B 71 33.38 4.48 -7.44
C ASN B 71 32.03 3.81 -7.29
N GLY B 74 30.21 0.51 -11.64
CA GLY B 74 29.23 0.58 -12.70
C GLY B 74 27.84 0.17 -12.24
N VAL B 75 26.96 1.16 -12.16
CA VAL B 75 25.59 0.96 -11.72
C VAL B 75 24.68 0.41 -12.82
N GLY B 76 24.87 0.88 -14.05
CA GLY B 76 24.01 0.49 -15.14
C GLY B 76 22.56 0.84 -14.84
N ALA B 77 21.68 -0.13 -15.03
CA ALA B 77 20.26 0.03 -14.75
C ALA B 77 19.93 -0.72 -13.47
N ASN B 78 20.95 -1.05 -12.71
CA ASN B 78 20.75 -1.76 -11.45
C ASN B 78 20.46 -0.74 -10.33
N ARG B 79 19.19 -0.60 -10.00
CA ARG B 79 18.74 0.39 -9.04
C ARG B 79 19.25 0.10 -7.64
N SER B 80 19.47 -1.18 -7.35
CA SER B 80 19.97 -1.58 -6.06
C SER B 80 21.37 -1.05 -5.82
N LYS B 81 22.18 -1.16 -6.86
CA LYS B 81 23.53 -0.63 -6.82
C LYS B 81 23.50 0.91 -6.75
N GLY B 82 22.53 1.53 -7.43
CA GLY B 82 22.34 2.96 -7.37
C GLY B 82 22.09 3.42 -5.95
N LYS B 83 21.17 2.76 -5.25
CA LYS B 83 20.84 3.09 -3.87
C LYS B 83 22.05 2.97 -2.95
N GLN B 84 22.81 1.90 -3.11
CA GLN B 84 24.01 1.68 -2.33
C GLN B 84 25.02 2.79 -2.61
N GLY B 85 25.20 3.12 -3.89
CA GLY B 85 26.06 4.23 -4.28
C GLY B 85 25.67 5.54 -3.61
N PHE B 86 24.37 5.84 -3.59
CA PHE B 86 23.90 7.06 -2.94
C PHE B 86 24.19 7.04 -1.44
N TRP B 87 23.82 5.96 -0.77
CA TRP B 87 24.10 5.86 0.66
C TRP B 87 25.59 5.99 0.98
N GLU B 88 26.46 5.38 0.17
CA GLU B 88 27.91 5.48 0.38
C GLU B 88 28.46 6.92 0.25
N ASN B 89 27.77 7.75 -0.51
CA ASN B 89 28.21 9.11 -0.78
C ASN B 89 27.23 10.16 -0.32
N GLN B 90 26.29 9.74 0.52
CA GLN B 90 25.20 10.59 0.95
C GLN B 90 25.65 11.92 1.60
N GLU B 91 26.62 11.86 2.50
CA GLU B 91 27.07 13.08 3.18
C GLU B 91 27.70 14.06 2.20
N MET B 92 28.46 13.52 1.24
CA MET B 92 29.17 14.33 0.26
C MET B 92 28.19 15.07 -0.64
N ILE B 93 27.19 14.34 -1.12
CA ILE B 93 26.16 14.91 -1.96
C ILE B 93 25.37 15.99 -1.24
N LEU B 94 24.82 15.67 -0.08
CA LEU B 94 24.09 16.66 0.71
C LEU B 94 24.93 17.89 1.13
N GLU B 95 26.21 17.68 1.43
CA GLU B 95 27.09 18.80 1.76
C GLU B 95 27.20 19.78 0.60
N GLU B 96 27.37 19.24 -0.60
CA GLU B 96 27.55 20.06 -1.77
C GLU B 96 26.31 20.94 -2.00
N ILE B 97 25.14 20.36 -1.75
CA ILE B 97 23.91 21.14 -1.83
C ILE B 97 23.80 22.18 -0.73
N GLU B 98 24.10 21.76 0.49
CA GLU B 98 23.97 22.64 1.65
C GLU B 98 24.88 23.87 1.58
N LYS B 99 26.02 23.73 0.91
CA LYS B 99 26.96 24.85 0.70
C LYS B 99 26.34 25.97 -0.13
N ARG B 100 25.24 25.67 -0.81
CA ARG B 100 24.63 26.63 -1.73
C ARG B 100 23.46 27.41 -1.14
N GLY B 101 23.24 27.29 0.16
CA GLY B 101 22.30 28.12 0.88
C GLY B 101 20.92 27.50 1.01
N ASP B 102 19.92 28.34 1.31
CA ASP B 102 18.55 27.86 1.47
C ASP B 102 17.78 28.00 0.19
N PHE B 103 16.78 27.14 0.01
CA PHE B 103 16.02 27.13 -1.22
C PHE B 103 14.55 27.10 -0.90
N ASP B 104 13.76 27.77 -1.73
CA ASP B 104 12.32 27.74 -1.60
C ASP B 104 11.70 26.66 -2.50
N LEU B 105 12.38 26.34 -3.58
CA LEU B 105 11.81 25.46 -4.57
C LEU B 105 12.94 24.58 -5.08
N ILE B 106 12.74 23.26 -5.08
CA ILE B 106 13.77 22.36 -5.55
C ILE B 106 13.19 21.40 -6.60
N PHE B 107 13.82 21.37 -7.77
CA PHE B 107 13.47 20.41 -8.81
C PHE B 107 14.50 19.30 -8.84
N VAL B 108 14.03 18.06 -8.76
CA VAL B 108 14.90 16.92 -8.91
C VAL B 108 14.48 16.24 -10.22
N MET B 109 15.34 16.36 -11.22
CA MET B 109 15.01 15.94 -12.58
C MET B 109 15.71 14.63 -12.91
N THR B 110 14.91 13.66 -13.38
CA THR B 110 15.42 12.32 -13.63
C THR B 110 14.51 11.52 -14.55
N SER B 111 15.07 10.48 -15.17
CA SER B 111 14.25 9.43 -15.74
C SER B 111 13.88 8.44 -14.63
N VAL B 112 12.78 7.72 -14.83
CA VAL B 112 12.35 6.73 -13.85
C VAL B 112 12.83 5.33 -14.20
N SER B 113 13.42 5.18 -15.38
CA SER B 113 13.75 3.84 -15.91
C SER B 113 15.19 3.38 -15.76
N GLY B 114 16.11 4.30 -15.57
CA GLY B 114 17.53 3.94 -15.47
C GLY B 114 17.94 3.46 -14.09
N GLY B 115 19.24 3.34 -13.87
CA GLY B 115 19.73 2.89 -12.58
C GLY B 115 20.15 4.03 -11.65
N THR B 116 20.77 5.08 -12.17
CA THR B 116 21.26 6.16 -11.29
C THR B 116 20.20 7.20 -10.92
N GLY B 117 19.69 7.92 -11.91
CA GLY B 117 18.67 8.92 -11.64
C GLY B 117 17.49 8.36 -10.86
N SER B 118 16.97 7.23 -11.31
CA SER B 118 15.75 6.67 -10.73
C SER B 118 15.93 6.16 -9.29
N SER B 119 17.17 5.84 -8.91
CA SER B 119 17.41 5.34 -7.56
C SER B 119 17.84 6.46 -6.63
N PHE B 120 18.76 7.31 -7.09
CA PHE B 120 19.20 8.46 -6.29
C PHE B 120 18.04 9.39 -5.94
N SER B 121 17.18 9.67 -6.93
CA SER B 121 16.21 10.74 -6.82
C SER B 121 15.19 10.60 -5.69
N PRO B 122 14.54 9.42 -5.54
CA PRO B 122 13.63 9.38 -4.37
C PRO B 122 14.38 9.51 -3.04
N LEU B 123 15.58 8.95 -2.96
CA LEU B 123 16.39 9.07 -1.75
C LEU B 123 16.78 10.54 -1.53
N MET B 124 17.14 11.23 -2.59
CA MET B 124 17.53 12.63 -2.45
C MET B 124 16.36 13.48 -2.04
N ILE B 125 15.18 13.17 -2.57
CA ILE B 125 14.00 13.96 -2.25
C ILE B 125 13.67 13.81 -0.79
N HIS B 126 13.73 12.56 -0.34
CA HIS B 126 13.51 12.25 1.04
C HIS B 126 14.48 13.03 1.95
N GLU B 127 15.78 12.98 1.65
CA GLU B 127 16.78 13.64 2.49
C GLU B 127 16.65 15.17 2.41
N LEU B 128 16.34 15.67 1.23
CA LEU B 128 16.16 17.12 1.06
C LEU B 128 14.96 17.65 1.85
N LYS B 129 13.87 16.88 1.86
CA LYS B 129 12.67 17.25 2.58
C LYS B 129 12.92 17.31 4.10
N LYS B 130 13.75 16.40 4.62
CA LYS B 130 14.15 16.49 6.03
C LYS B 130 14.94 17.78 6.29
N ARG B 131 15.83 18.13 5.35
CA ARG B 131 16.73 19.28 5.55
C ARG B 131 16.15 20.65 5.17
N TYR B 132 15.23 20.67 4.22
CA TYR B 132 14.60 21.90 3.79
C TYR B 132 13.10 21.72 3.93
N LYS B 133 12.64 21.69 5.17
CA LYS B 133 11.27 21.27 5.47
C LYS B 133 10.28 22.22 4.83
N ASN B 134 10.66 23.49 4.72
CA ASN B 134 9.76 24.47 4.16
C ASN B 134 9.87 24.61 2.63
N ALA B 135 10.82 23.94 2.01
CA ALA B 135 10.96 24.07 0.56
C ALA B 135 9.89 23.24 -0.16
N THR B 136 9.51 23.67 -1.36
CA THR B 136 8.65 22.89 -2.24
C THR B 136 9.54 22.05 -3.14
N ILE B 137 9.44 20.73 -3.02
CA ILE B 137 10.34 19.84 -3.73
C ILE B 137 9.56 18.97 -4.69
N VAL B 138 9.86 19.14 -5.97
CA VAL B 138 9.09 18.57 -7.07
C VAL B 138 9.97 17.76 -7.99
N PRO B 139 9.75 16.44 -8.03
CA PRO B 139 10.50 15.69 -9.05
C PRO B 139 9.93 15.92 -10.45
N ILE B 140 10.83 16.00 -11.43
CA ILE B 140 10.41 16.02 -12.81
C ILE B 140 10.82 14.66 -13.31
N ALA B 141 9.82 13.79 -13.50
CA ALA B 141 10.04 12.37 -13.77
C ALA B 141 9.78 12.04 -15.24
N VAL B 142 10.82 11.62 -15.95
CA VAL B 142 10.67 11.34 -17.36
C VAL B 142 10.34 9.84 -17.55
N LEU B 143 9.18 9.55 -18.14
CA LEU B 143 8.70 8.17 -18.33
C LEU B 143 9.28 7.57 -19.61
N PRO B 144 9.46 6.23 -19.63
CA PRO B 144 10.11 5.57 -20.75
C PRO B 144 9.29 5.50 -22.02
N PHE B 145 9.97 5.30 -23.14
CA PHE B 145 9.34 4.90 -24.37
C PHE B 145 8.62 3.56 -24.18
N ARG B 146 7.47 3.45 -24.85
CA ARG B 146 6.57 2.30 -24.74
C ARG B 146 7.33 0.97 -24.82
N GLU B 147 8.22 0.88 -25.80
CA GLU B 147 8.94 -0.35 -26.09
C GLU B 147 10.40 -0.37 -25.67
N GLU B 148 10.72 0.35 -24.60
CA GLU B 148 12.02 0.13 -23.96
C GLU B 148 11.99 -1.24 -23.27
N GLY B 149 13.15 -1.82 -22.98
CA GLY B 149 13.18 -3.18 -22.51
C GLY B 149 12.45 -3.45 -21.19
N THR B 150 12.34 -4.73 -20.86
CA THR B 150 11.63 -5.16 -19.67
C THR B 150 12.28 -4.57 -18.41
N ILE B 151 13.61 -4.53 -18.38
CA ILE B 151 14.34 -4.02 -17.22
C ILE B 151 13.99 -2.55 -16.92
N TYR B 152 13.97 -1.75 -17.97
CA TYR B 152 13.56 -0.36 -17.87
C TYR B 152 12.15 -0.20 -17.37
N LEU B 153 11.23 -0.99 -17.91
CA LEU B 153 9.84 -0.88 -17.52
C LEU B 153 9.68 -1.27 -16.05
N GLN B 154 10.40 -2.30 -15.61
CA GLN B 154 10.34 -2.68 -14.21
C GLN B 154 10.95 -1.59 -13.31
N ASN B 155 12.07 -1.00 -13.74
CA ASN B 155 12.68 0.10 -12.97
C ASN B 155 11.71 1.22 -12.79
N ALA B 156 11.01 1.55 -13.87
CA ALA B 156 10.03 2.64 -13.86
C ALA B 156 9.00 2.40 -12.78
N ALA B 157 8.49 1.18 -12.71
CA ALA B 157 7.52 0.81 -11.69
C ALA B 157 8.04 0.94 -10.27
N PHE B 158 9.25 0.46 -10.02
CA PHE B 158 9.80 0.57 -8.68
C PHE B 158 10.08 2.01 -8.33
N CYS B 159 10.50 2.78 -9.33
CA CYS B 159 10.80 4.18 -9.12
C CYS B 159 9.53 4.96 -8.78
N LEU B 160 8.48 4.73 -9.54
CA LEU B 160 7.22 5.44 -9.27
C LEU B 160 6.69 5.14 -7.87
N ARG B 161 6.79 3.88 -7.43
CA ARG B 161 6.39 3.50 -6.07
C ARG B 161 7.19 4.25 -5.00
N GLU B 162 8.51 4.28 -5.17
CA GLU B 162 9.39 4.99 -4.25
C GLU B 162 9.13 6.51 -4.26
N MET B 163 8.80 7.05 -5.43
CA MET B 163 8.46 8.46 -5.55
C MET B 163 7.22 8.74 -4.72
N ILE B 164 6.23 7.87 -4.84
CA ILE B 164 5.01 8.02 -4.06
C ILE B 164 5.31 7.91 -2.58
N GLU B 165 6.13 6.92 -2.19
CA GLU B 165 6.48 6.76 -0.78
C GLU B 165 7.17 7.97 -0.13
N VAL B 166 8.05 8.63 -0.88
CA VAL B 166 8.82 9.71 -0.25
C VAL B 166 8.00 10.99 -0.23
N GLU B 167 6.82 10.94 -0.84
CA GLU B 167 5.84 12.01 -0.62
C GLU B 167 6.38 13.42 -0.92
N ALA B 168 6.83 13.66 -2.14
CA ALA B 168 7.23 15.00 -2.52
C ALA B 168 6.03 15.93 -2.60
N ASP B 169 6.30 17.18 -2.92
CA ASP B 169 5.24 18.15 -3.15
C ASP B 169 4.84 18.06 -4.62
N GLY B 170 4.17 16.99 -5.00
CA GLY B 170 3.74 16.83 -6.37
C GLY B 170 4.86 16.25 -7.22
N MET B 171 4.59 16.06 -8.50
CA MET B 171 5.55 15.46 -9.40
C MET B 171 5.11 15.84 -10.78
N ILE B 172 6.05 16.34 -11.58
CA ILE B 172 5.77 16.68 -12.96
C ILE B 172 6.13 15.53 -13.89
N LEU B 173 5.14 15.02 -14.61
CA LEU B 173 5.33 13.88 -15.51
C LEU B 173 5.74 14.33 -16.91
N VAL B 174 6.76 13.71 -17.46
CA VAL B 174 7.18 13.94 -18.83
C VAL B 174 7.13 12.59 -19.58
N ASP B 175 6.27 12.50 -20.57
CA ASP B 175 6.08 11.22 -21.28
C ASP B 175 6.86 11.18 -22.58
N ASN B 176 8.01 10.51 -22.55
CA ASN B 176 8.87 10.39 -23.72
C ASN B 176 8.13 9.84 -24.93
N GLN B 177 7.20 8.91 -24.68
CA GLN B 177 6.43 8.25 -25.75
C GLN B 177 5.53 9.26 -26.46
N TYR B 178 4.79 10.04 -25.68
CA TYR B 178 3.88 11.07 -26.16
C TYR B 178 4.58 12.19 -26.89
N LEU B 179 5.82 12.46 -26.51
CA LEU B 179 6.55 13.59 -27.07
C LEU B 179 7.34 13.20 -28.29
N LYS B 180 7.50 11.90 -28.51
CA LYS B 180 8.21 11.42 -29.70
C LYS B 180 7.51 11.99 -30.94
N ARG B 181 8.24 12.77 -31.74
CA ARG B 181 7.66 13.35 -32.95
C ARG B 181 8.75 13.66 -33.98
N ILE B 186 16.77 9.91 -32.61
CA ILE B 186 16.58 9.73 -31.17
C ILE B 186 17.37 10.77 -30.34
N ALA B 187 18.56 11.13 -30.82
CA ALA B 187 19.33 12.19 -30.19
C ALA B 187 18.53 13.44 -30.42
N SER B 188 17.98 13.55 -31.63
CA SER B 188 17.11 14.66 -31.99
C SER B 188 15.84 14.61 -31.16
N ALA B 189 15.38 13.40 -30.85
CA ALA B 189 14.20 13.25 -30.02
C ALA B 189 14.43 13.85 -28.63
N TYR B 190 15.51 13.43 -27.96
CA TYR B 190 15.84 13.95 -26.63
C TYR B 190 16.01 15.47 -26.65
N ASP B 191 16.72 16.00 -27.63
CA ASP B 191 16.96 17.44 -27.69
C ASP B 191 15.67 18.25 -27.73
N ARG B 192 14.72 17.79 -28.54
CA ARG B 192 13.41 18.41 -28.62
C ARG B 192 12.71 18.37 -27.27
N ILE B 193 12.66 17.17 -26.70
CA ILE B 193 11.97 16.94 -25.44
C ILE B 193 12.59 17.75 -24.33
N ASN B 194 13.92 17.68 -24.22
CA ASN B 194 14.66 18.39 -23.18
C ASN B 194 14.44 19.88 -23.28
N THR B 195 14.41 20.38 -24.51
CA THR B 195 14.15 21.81 -24.78
C THR B 195 12.74 22.18 -24.34
N MET B 196 11.78 21.29 -24.57
CA MET B 196 10.42 21.54 -24.10
C MET B 196 10.32 21.52 -22.60
N VAL B 197 11.03 20.59 -21.95
CA VAL B 197 10.94 20.51 -20.51
C VAL B 197 11.59 21.75 -19.93
N ALA B 198 12.79 22.07 -20.41
CA ALA B 198 13.54 23.24 -19.91
C ALA B 198 12.73 24.53 -20.01
N GLN B 199 12.07 24.71 -21.16
CA GLN B 199 11.27 25.89 -21.44
C GLN B 199 10.12 26.04 -20.47
N ARG B 200 9.44 24.94 -20.18
CA ARG B 200 8.35 24.96 -19.23
C ARG B 200 8.82 25.20 -17.81
N LEU B 201 9.97 24.64 -17.44
CA LEU B 201 10.47 24.81 -16.07
C LEU B 201 10.85 26.26 -15.83
N LEU B 202 11.50 26.85 -16.82
CA LEU B 202 11.92 28.25 -16.72
C LEU B 202 10.70 29.18 -16.63
N PHE B 203 9.67 28.89 -17.41
CA PHE B 203 8.43 29.64 -17.32
C PHE B 203 7.80 29.45 -15.95
N LEU B 204 7.72 28.21 -15.47
CA LEU B 204 7.16 27.94 -14.16
C LEU B 204 7.83 28.76 -13.06
N ILE B 205 9.16 28.83 -13.09
CA ILE B 205 9.92 29.60 -12.11
C ILE B 205 9.56 31.08 -12.18
N GLU B 206 9.47 31.63 -13.39
CA GLU B 206 8.99 33.01 -13.56
C GLU B 206 7.61 33.22 -12.95
N ALA B 207 6.67 32.33 -13.24
CA ALA B 207 5.30 32.42 -12.72
C ALA B 207 5.25 32.41 -11.22
N LEU B 208 5.95 31.45 -10.62
CA LEU B 208 6.03 31.30 -9.18
C LEU B 208 6.66 32.51 -8.47
N ASP B 209 7.58 33.19 -9.15
CA ASP B 209 8.27 34.36 -8.58
C ASP B 209 7.45 35.65 -8.71
N SER B 210 6.27 35.57 -9.32
CA SER B 210 5.44 36.75 -9.54
C SER B 210 4.62 37.11 -8.30
N GLU B 211 3.96 38.26 -8.26
CA GLU B 211 3.14 38.58 -7.08
C GLU B 211 1.72 38.09 -7.30
N THR B 216 1.43 34.93 -1.33
CA THR B 216 0.64 33.77 -0.92
C THR B 216 1.53 32.55 -0.65
N ASP B 217 2.82 32.68 -0.94
CA ASP B 217 3.81 31.61 -0.71
C ASP B 217 3.55 30.34 -1.50
N LEU B 218 3.44 30.48 -2.82
CA LEU B 218 3.33 29.32 -3.71
C LEU B 218 2.07 28.52 -3.40
N GLY B 219 1.21 29.10 -2.56
CA GLY B 219 0.06 28.41 -2.02
C GLY B 219 -0.82 27.77 -3.07
N ASP B 220 -1.19 28.53 -4.10
CA ASP B 220 -1.99 27.94 -5.17
C ASP B 220 -1.22 26.83 -5.90
N PHE B 221 0.07 27.05 -6.16
CA PHE B 221 0.91 26.02 -6.78
C PHE B 221 0.94 24.74 -5.92
N LYS B 222 1.21 24.94 -4.63
CA LYS B 222 1.23 23.86 -3.65
C LYS B 222 -0.15 23.20 -3.60
N THR B 223 -1.20 24.02 -3.61
CA THR B 223 -2.58 23.55 -3.62
C THR B 223 -2.88 22.68 -4.85
N VAL B 224 -2.45 23.16 -6.02
CA VAL B 224 -2.65 22.41 -7.24
C VAL B 224 -1.96 21.07 -7.14
N MET B 225 -0.68 21.10 -6.82
CA MET B 225 0.15 19.91 -6.83
C MET B 225 -0.25 18.89 -5.75
N ASN B 226 -0.94 19.33 -4.73
CA ASN B 226 -1.30 18.43 -3.63
C ASN B 226 -2.66 17.77 -3.84
N GLY B 227 -3.23 17.95 -5.02
CA GLY B 227 -4.51 17.35 -5.35
C GLY B 227 -4.40 15.96 -5.94
N GLY B 228 -5.53 15.23 -5.90
CA GLY B 228 -5.70 13.97 -6.61
C GLY B 228 -4.60 12.97 -6.37
N LEU B 229 -3.97 12.53 -7.46
CA LEU B 229 -2.84 11.61 -7.40
C LEU B 229 -1.54 12.30 -6.96
N ARG B 230 -1.53 13.63 -6.87
CA ARG B 230 -0.33 14.39 -6.52
C ARG B 230 0.76 14.16 -7.57
N MET B 231 0.31 13.94 -8.79
CA MET B 231 1.20 13.88 -9.94
C MET B 231 0.51 14.75 -10.92
N GLY B 232 1.28 15.33 -11.83
CA GLY B 232 0.68 16.22 -12.79
C GLY B 232 1.61 16.48 -13.94
N THR B 233 1.39 17.59 -14.61
CA THR B 233 2.27 17.92 -15.70
C THR B 233 2.22 19.41 -16.00
N LEU B 234 3.03 19.84 -16.95
CA LEU B 234 3.06 21.24 -17.39
C LEU B 234 2.64 21.35 -18.84
N GLY B 235 1.83 22.35 -19.15
CA GLY B 235 1.54 22.70 -20.52
C GLY B 235 2.06 24.11 -20.86
N TYR B 236 2.24 24.36 -22.14
CA TYR B 236 2.86 25.60 -22.58
C TYR B 236 2.47 25.94 -23.99
N TYR B 237 2.20 27.23 -24.24
CA TYR B 237 2.03 27.62 -25.63
C TYR B 237 2.38 29.09 -25.81
N GLN B 238 3.23 29.35 -26.79
CA GLN B 238 3.61 30.73 -27.10
C GLN B 238 2.73 31.25 -28.23
N ALA B 239 1.91 32.26 -27.93
CA ALA B 239 1.04 32.80 -28.99
C ALA B 239 1.90 33.52 -30.02
N ASP B 240 1.42 33.56 -31.27
CA ASP B 240 2.21 34.09 -32.37
C ASP B 240 1.33 34.63 -33.53
N LYS B 241 1.98 35.05 -34.61
CA LYS B 241 1.31 35.68 -35.77
C LYS B 241 0.09 34.97 -36.35
N LYS B 242 0.25 33.69 -36.67
CA LYS B 242 -0.85 32.90 -37.21
C LYS B 242 -2.00 32.87 -36.23
N SER B 243 -1.69 32.38 -35.03
CA SER B 243 -2.64 32.23 -33.92
C SER B 243 -2.27 33.09 -32.69
N PRO B 244 -2.69 34.37 -32.66
CA PRO B 244 -2.35 35.24 -31.53
C PRO B 244 -3.43 35.27 -30.43
N SER B 245 -4.50 34.49 -30.64
CA SER B 245 -5.62 34.43 -29.71
C SER B 245 -5.20 33.87 -28.34
N ILE B 246 -5.50 34.60 -27.26
CA ILE B 246 -5.17 34.12 -25.93
C ILE B 246 -6.00 32.89 -25.63
N ARG B 247 -7.25 32.93 -26.09
CA ARG B 247 -8.13 31.78 -25.97
C ARG B 247 -7.48 30.53 -26.60
N ALA B 248 -6.91 30.68 -27.79
CA ALA B 248 -6.28 29.55 -28.47
C ALA B 248 -5.05 29.10 -27.69
N ALA B 249 -4.28 30.06 -27.20
CA ALA B 249 -3.13 29.77 -26.34
C ALA B 249 -3.51 29.00 -25.08
N ILE B 250 -4.58 29.41 -24.40
CA ILE B 250 -4.99 28.69 -23.20
C ILE B 250 -5.39 27.23 -23.53
N LYS B 251 -6.23 27.04 -24.54
CA LYS B 251 -6.65 25.69 -25.00
C LYS B 251 -5.44 24.86 -25.40
N ASN B 252 -4.56 25.46 -26.19
CA ASN B 252 -3.36 24.78 -26.67
C ASN B 252 -2.38 24.37 -25.60
N SER B 253 -2.36 25.07 -24.47
CA SER B 253 -1.49 24.65 -23.40
C SER B 253 -2.04 23.38 -22.74
N LEU B 254 -3.31 23.06 -23.02
CA LEU B 254 -3.96 21.88 -22.45
C LEU B 254 -4.18 20.76 -23.48
N ARG B 255 -3.60 20.93 -24.67
CA ARG B 255 -3.62 19.98 -25.78
C ARG B 255 -2.23 19.40 -26.09
N GLU B 256 -2.22 18.64 -27.20
CA GLU B 256 -1.04 18.00 -27.76
C GLU B 256 0.13 18.99 -27.97
N VAL B 257 -0.15 20.14 -28.57
CA VAL B 257 0.93 21.12 -28.80
C VAL B 257 1.65 21.56 -27.53
N GLY B 258 0.93 21.60 -26.40
CA GLY B 258 1.49 22.12 -25.16
C GLY B 258 1.88 21.22 -23.99
N LEU B 259 1.30 20.03 -23.87
CA LEU B 259 1.49 19.25 -22.65
C LEU B 259 2.69 18.33 -22.69
N LEU B 260 3.30 18.08 -21.54
CA LEU B 260 4.41 17.14 -21.47
C LEU B 260 3.93 15.71 -21.24
N TYR B 261 2.68 15.60 -20.81
CA TYR B 261 2.09 14.29 -20.50
C TYR B 261 0.65 14.32 -20.98
N PRO B 262 0.17 13.21 -21.59
CA PRO B 262 -1.16 13.25 -22.21
C PRO B 262 -2.33 13.29 -21.25
N ALA B 263 -2.44 14.34 -20.45
CA ALA B 263 -3.63 14.49 -19.62
C ALA B 263 -4.86 14.81 -20.47
N ASN B 264 -6.00 14.19 -20.15
CA ASN B 264 -7.24 14.48 -20.89
C ASN B 264 -8.15 15.35 -20.04
N VAL B 265 -8.03 16.67 -20.21
CA VAL B 265 -8.76 17.63 -19.41
C VAL B 265 -10.26 17.56 -19.63
N ASP B 266 -10.70 17.37 -20.87
CA ASP B 266 -12.14 17.26 -21.14
C ASP B 266 -12.80 16.06 -20.48
N ALA B 267 -12.02 15.00 -20.25
CA ALA B 267 -12.52 13.81 -19.60
C ALA B 267 -12.54 13.94 -18.08
N GLY B 268 -12.05 15.06 -17.57
CA GLY B 268 -12.00 15.25 -16.13
C GLY B 268 -10.86 14.52 -15.43
N GLU B 269 -9.75 14.27 -16.12
CA GLU B 269 -8.60 13.63 -15.48
C GLU B 269 -7.84 14.58 -14.55
N ALA B 270 -8.05 15.87 -14.74
CA ALA B 270 -7.36 16.86 -13.92
C ALA B 270 -8.26 17.37 -12.83
N GLY B 271 -7.84 17.21 -11.59
CA GLY B 271 -8.62 17.70 -10.47
C GLY B 271 -8.36 19.17 -10.21
N ARG B 272 -7.12 19.61 -10.39
CA ARG B 272 -6.75 21.02 -10.17
C ARG B 272 -5.85 21.55 -11.29
N ALA B 273 -5.92 22.86 -11.54
CA ALA B 273 -5.04 23.49 -12.51
C ALA B 273 -4.70 24.94 -12.14
N MET B 274 -3.50 25.37 -12.53
CA MET B 274 -3.10 26.77 -12.41
C MET B 274 -2.75 27.24 -13.81
N ILE B 275 -3.48 28.23 -14.30
CA ILE B 275 -3.24 28.78 -15.62
C ILE B 275 -2.57 30.15 -15.47
N VAL B 276 -1.36 30.27 -16.00
CA VAL B 276 -0.62 31.52 -15.90
C VAL B 276 -0.49 32.11 -17.31
N ILE B 277 -1.01 33.32 -17.50
CA ILE B 277 -0.88 34.05 -18.76
C ILE B 277 0.12 35.20 -18.60
N GLN B 278 1.13 35.23 -19.46
CA GLN B 278 2.16 36.25 -19.37
C GLN B 278 2.36 36.99 -20.69
N GLY B 279 2.47 38.31 -20.62
CA GLY B 279 2.73 39.08 -21.83
C GLY B 279 2.53 40.56 -21.59
N SER B 280 2.77 41.35 -22.64
CA SER B 280 2.54 42.79 -22.61
C SER B 280 1.09 43.10 -22.22
N ARG B 281 0.93 44.19 -21.48
CA ARG B 281 -0.36 44.64 -20.97
C ARG B 281 -1.44 44.83 -22.01
N GLU B 282 -1.06 45.35 -23.17
CA GLU B 282 -2.00 45.62 -24.24
C GLU B 282 -2.63 44.35 -24.80
N TYR B 283 -1.95 43.22 -24.62
CA TYR B 283 -2.48 41.93 -25.08
C TYR B 283 -3.49 41.33 -24.12
N LEU B 284 -3.59 41.91 -22.92
CA LEU B 284 -4.30 41.27 -21.85
C LEU B 284 -5.72 41.79 -21.60
N ASN B 285 -6.70 41.02 -22.07
CA ASN B 285 -8.11 41.31 -21.83
C ASN B 285 -8.57 40.36 -20.73
N VAL B 286 -8.64 40.88 -19.50
CA VAL B 286 -8.94 40.06 -18.32
C VAL B 286 -10.27 39.30 -18.41
N ASP B 287 -11.30 39.94 -18.94
CA ASP B 287 -12.60 39.31 -19.11
C ASP B 287 -12.53 38.15 -20.10
N GLU B 288 -11.80 38.35 -21.19
CA GLU B 288 -11.58 37.27 -22.16
C GLU B 288 -10.87 36.09 -21.46
N ILE B 289 -9.84 36.41 -20.70
CA ILE B 289 -9.07 35.40 -20.00
C ILE B 289 -9.90 34.70 -18.94
N THR B 290 -10.62 35.49 -18.15
CA THR B 290 -11.46 34.98 -17.07
C THR B 290 -12.53 34.01 -17.54
N LYS B 291 -13.24 34.39 -18.60
CA LYS B 291 -14.27 33.50 -19.13
C LYS B 291 -13.71 32.20 -19.72
N GLU B 292 -12.55 32.26 -20.36
CA GLU B 292 -11.91 31.03 -20.84
C GLU B 292 -11.62 30.13 -19.65
N ILE B 293 -11.19 30.75 -18.55
CA ILE B 293 -10.92 30.02 -17.31
C ILE B 293 -12.18 29.47 -16.68
N GLU B 294 -13.23 30.29 -16.62
CA GLU B 294 -14.52 29.85 -16.11
C GLU B 294 -14.99 28.62 -16.87
N SER B 295 -14.73 28.60 -18.17
CA SER B 295 -15.04 27.44 -19.00
C SER B 295 -14.34 26.18 -18.51
N LEU B 296 -13.09 26.31 -18.08
CA LEU B 296 -12.31 25.16 -17.64
C LEU B 296 -12.87 24.50 -16.39
N THR B 297 -13.53 25.29 -15.55
CA THR B 297 -14.07 24.80 -14.28
C THR B 297 -15.21 23.80 -14.46
N GLU B 298 -15.68 23.65 -15.69
CA GLU B 298 -16.69 22.64 -15.99
C GLU B 298 -16.06 21.26 -15.88
N THR B 299 -14.79 21.16 -16.27
CA THR B 299 -14.10 19.88 -16.35
C THR B 299 -12.98 19.70 -15.30
N ILE B 300 -12.60 20.77 -14.62
CA ILE B 300 -11.48 20.63 -13.68
C ILE B 300 -11.89 20.77 -12.22
N GLY B 301 -12.64 21.79 -11.85
CA GLY B 301 -13.06 21.82 -10.46
C GLY B 301 -12.36 22.88 -9.64
N HIS B 302 -11.04 22.87 -9.63
CA HIS B 302 -10.32 23.96 -8.97
C HIS B 302 -9.33 24.50 -9.97
N VAL B 303 -9.58 25.71 -10.42
CA VAL B 303 -8.71 26.37 -11.40
C VAL B 303 -8.24 27.68 -10.82
N PHE B 304 -6.93 27.85 -10.76
CA PHE B 304 -6.39 29.13 -10.34
C PHE B 304 -5.81 29.80 -11.56
N LYS B 305 -5.92 31.12 -11.62
CA LYS B 305 -5.41 31.82 -12.77
C LYS B 305 -4.50 32.96 -12.31
N GLY B 306 -3.45 33.21 -13.08
CA GLY B 306 -2.53 34.28 -12.80
C GLY B 306 -2.20 35.01 -14.08
N ILE B 307 -2.13 36.33 -14.00
CA ILE B 307 -1.66 37.14 -15.12
C ILE B 307 -0.35 37.86 -14.76
N VAL B 308 0.65 37.68 -15.60
CA VAL B 308 1.93 38.32 -15.37
C VAL B 308 2.28 39.24 -16.54
N ILE B 309 2.42 40.52 -16.23
CA ILE B 309 2.78 41.50 -17.24
C ILE B 309 4.28 41.47 -17.48
N LYS B 310 4.64 41.26 -18.75
CA LYS B 310 6.03 41.19 -19.17
C LYS B 310 6.09 41.38 -20.67
N LYS B 311 6.95 42.29 -21.11
CA LYS B 311 7.07 42.64 -22.52
C LYS B 311 7.33 41.42 -23.42
N GLY B 312 6.44 41.21 -24.38
CA GLY B 312 6.58 40.13 -25.34
C GLY B 312 5.23 39.67 -25.85
N GLU B 313 5.24 38.85 -26.90
CA GLU B 313 4.01 38.22 -27.34
C GLU B 313 3.59 37.25 -26.24
N PRO B 314 2.29 37.24 -25.90
CA PRO B 314 1.77 36.50 -24.75
C PRO B 314 2.02 34.99 -24.82
N ARG B 315 2.26 34.41 -23.64
CA ARG B 315 2.45 32.97 -23.51
C ARG B 315 1.66 32.45 -22.31
N VAL B 316 1.33 31.16 -22.34
CA VAL B 316 0.51 30.54 -21.32
C VAL B 316 1.22 29.31 -20.76
N LEU B 317 1.23 29.18 -19.44
CA LEU B 317 1.72 27.99 -18.76
C LEU B 317 0.55 27.35 -18.03
N SER B 318 0.41 26.05 -18.15
CA SER B 318 -0.64 25.38 -17.39
C SER B 318 0.00 24.37 -16.44
N VAL B 319 -0.43 24.37 -15.20
CA VAL B 319 0.07 23.41 -14.24
C VAL B 319 -1.13 22.57 -13.90
N LEU B 320 -1.07 21.28 -14.21
CA LEU B 320 -2.22 20.40 -13.95
C LEU B 320 -1.90 19.38 -12.90
N SER B 321 -2.82 19.10 -11.99
CA SER B 321 -2.65 17.93 -11.14
C SER B 321 -3.74 16.94 -11.51
N LEU B 322 -3.37 15.66 -11.58
CA LEU B 322 -4.28 14.63 -12.08
C LEU B 322 -5.06 13.91 -11.00
N GLU B 323 -6.34 13.66 -11.29
CA GLU B 323 -7.17 12.74 -10.51
C GLU B 323 -6.96 11.34 -11.06
N ARG B 324 -6.83 11.21 -12.37
CA ARG B 324 -6.61 9.90 -12.97
C ARG B 324 -5.46 9.98 -13.95
N ALA B 325 -4.71 8.88 -14.06
CA ALA B 325 -3.58 8.82 -14.96
C ALA B 325 -3.56 7.43 -15.57
N PRO B 326 -4.55 7.11 -16.42
CA PRO B 326 -4.65 5.76 -16.95
C PRO B 326 -3.43 5.32 -17.76
N GLY B 327 -2.81 6.23 -18.50
CA GLY B 327 -1.61 5.87 -19.27
C GLY B 327 -0.46 5.46 -18.38
N LEU B 328 -0.28 6.21 -17.30
CA LEU B 328 0.74 5.87 -16.34
C LEU B 328 0.38 4.59 -15.60
N VAL B 329 -0.90 4.45 -15.29
CA VAL B 329 -1.35 3.23 -14.62
C VAL B 329 -1.16 1.99 -15.50
N GLU B 330 -1.46 2.14 -16.79
CA GLU B 330 -1.26 1.02 -17.73
C GLU B 330 0.21 0.54 -17.78
N LEU B 331 1.14 1.50 -17.83
CA LEU B 331 2.57 1.21 -17.82
C LEU B 331 2.97 0.46 -16.55
N TYR B 332 2.52 0.98 -15.43
CA TYR B 332 2.83 0.45 -14.12
C TYR B 332 2.33 -0.99 -13.98
N GLU B 333 1.08 -1.22 -14.36
CA GLU B 333 0.48 -2.54 -14.31
C GLU B 333 1.14 -3.56 -15.22
N LYS B 334 1.64 -3.13 -16.39
CA LYS B 334 2.34 -4.05 -17.24
C LYS B 334 3.64 -4.50 -16.57
N ALA B 335 4.32 -3.56 -15.91
CA ALA B 335 5.49 -3.91 -15.14
C ALA B 335 5.11 -4.84 -13.99
N LYS B 336 4.02 -4.53 -13.30
CA LYS B 336 3.57 -5.34 -12.16
C LYS B 336 3.27 -6.75 -12.62
N TRP B 337 2.56 -6.86 -13.73
CA TRP B 337 2.16 -8.19 -14.21
C TRP B 337 3.40 -8.95 -14.64
N ALA B 338 4.38 -8.27 -15.21
CA ALA B 338 5.65 -8.91 -15.58
C ALA B 338 6.33 -9.51 -14.35
N ILE B 339 6.46 -8.71 -13.28
CA ILE B 339 7.05 -9.19 -12.04
C ILE B 339 6.31 -10.41 -11.50
N GLN B 340 4.99 -10.35 -11.50
CA GLN B 340 4.19 -11.45 -11.02
C GLN B 340 4.46 -12.71 -11.85
N GLU B 341 4.41 -12.55 -13.16
CA GLU B 341 4.66 -13.68 -14.06
C GLU B 341 6.03 -14.28 -13.81
N GLU B 342 6.99 -13.41 -13.52
CA GLU B 342 8.36 -13.83 -13.26
C GLU B 342 8.45 -14.56 -11.93
N ARG B 343 7.63 -14.14 -10.96
CA ARG B 343 7.59 -14.78 -9.64
C ARG B 343 6.95 -16.16 -9.71
N GLU B 344 5.89 -16.28 -10.50
CA GLU B 344 5.23 -17.55 -10.66
C GLU B 344 6.15 -18.49 -11.43
N ARG B 345 6.92 -17.93 -12.35
CA ARG B 345 7.85 -18.75 -13.11
C ARG B 345 8.93 -19.31 -12.19
N LYS B 346 9.22 -18.65 -11.07
CA LYS B 346 10.21 -19.22 -10.18
C LYS B 346 9.56 -20.06 -9.07
N ASP B 347 8.28 -19.85 -8.80
CA ASP B 347 7.64 -20.63 -7.73
C ASP B 347 7.25 -22.06 -8.16
N ARG B 348 6.92 -22.26 -9.44
CA ARG B 348 6.58 -23.61 -9.93
C ARG B 348 7.89 -24.38 -10.14
N ALA B 349 8.98 -23.64 -10.34
CA ALA B 349 10.30 -24.23 -10.46
C ALA B 349 10.75 -24.69 -9.08
N ARG B 350 10.43 -23.92 -8.04
CA ARG B 350 10.80 -24.35 -6.69
C ARG B 350 9.95 -25.58 -6.30
N SER B 351 8.69 -25.60 -6.73
CA SER B 351 7.81 -26.73 -6.41
C SER B 351 8.20 -28.02 -7.12
N GLU B 352 8.57 -27.92 -8.39
CA GLU B 352 8.99 -29.09 -9.15
C GLU B 352 10.29 -29.62 -8.58
N LEU B 353 11.11 -28.73 -8.04
CA LEU B 353 12.35 -29.12 -7.39
C LEU B 353 12.10 -29.84 -6.06
N TYR B 354 11.14 -29.35 -5.27
CA TYR B 354 10.81 -30.02 -4.00
C TYR B 354 10.26 -31.41 -4.22
N GLU B 355 9.44 -31.56 -5.26
CA GLU B 355 8.82 -32.84 -5.56
C GLU B 355 9.94 -33.82 -5.91
N ALA B 356 10.92 -33.33 -6.64
CA ALA B 356 12.09 -34.14 -7.00
C ALA B 356 12.87 -34.55 -5.75
N PHE B 357 13.08 -33.61 -4.83
CA PHE B 357 13.79 -33.91 -3.58
C PHE B 357 13.14 -35.02 -2.76
N GLU B 358 11.82 -34.99 -2.68
CA GLU B 358 11.10 -36.00 -1.91
C GLU B 358 11.16 -37.38 -2.56
N GLN B 359 11.08 -37.44 -3.89
CA GLN B 359 11.21 -38.73 -4.54
C GLN B 359 12.55 -39.41 -4.30
N ILE B 360 13.65 -38.71 -4.51
CA ILE B 360 14.97 -39.30 -4.26
C ILE B 360 15.12 -39.74 -2.81
N ASN B 361 14.61 -38.94 -1.88
CA ASN B 361 14.64 -39.29 -0.47
C ASN B 361 13.88 -40.58 -0.20
N ASP B 362 12.71 -40.72 -0.82
CA ASP B 362 11.94 -41.96 -0.70
C ASP B 362 12.79 -43.09 -1.28
N LEU B 363 13.43 -42.81 -2.41
CA LEU B 363 14.32 -43.75 -3.07
C LEU B 363 15.55 -44.09 -2.24
N GLU B 364 16.23 -43.07 -1.76
CA GLU B 364 17.46 -43.24 -1.00
C GLU B 364 17.23 -44.05 0.27
N GLU B 365 16.13 -43.75 0.93
CA GLU B 365 15.77 -44.41 2.18
C GLU B 365 15.62 -45.93 2.00
N ILE B 366 15.19 -46.34 0.81
CA ILE B 366 15.06 -47.75 0.52
C ILE B 366 16.43 -48.35 0.24
N TYR B 367 17.28 -47.56 -0.43
CA TYR B 367 18.65 -47.97 -0.72
C TYR B 367 19.55 -47.91 0.54
PB GDP C . -21.15 -16.92 17.25
O1B GDP C . -20.34 -16.88 15.97
O2B GDP C . -21.87 -15.60 17.46
O3B GDP C . -22.14 -18.07 17.16
O3A GDP C . -20.17 -17.25 18.49
PA GDP C . -18.99 -16.27 18.96
O1A GDP C . -19.32 -15.62 20.26
O2A GDP C . -18.57 -15.27 17.90
O5' GDP C . -17.83 -17.34 19.11
C5' GDP C . -17.34 -17.66 20.41
C4' GDP C . -15.83 -17.61 20.36
O4' GDP C . -15.44 -16.25 20.10
C3' GDP C . -15.28 -17.97 21.72
O3' GDP C . -13.98 -18.49 21.50
C2' GDP C . -15.21 -16.64 22.40
O2' GDP C . -14.20 -16.66 23.40
C1' GDP C . -14.82 -15.71 21.26
N9 GDP C . -15.32 -14.34 21.36
C8 GDP C . -16.60 -13.95 21.56
N7 GDP C . -16.69 -12.59 21.53
C5 GDP C . -15.44 -12.13 21.32
C6 GDP C . -14.82 -10.80 21.15
O6 GDP C . -15.51 -9.78 21.25
N1 GDP C . -13.51 -10.75 20.93
C2 GDP C . -12.75 -11.85 20.84
N2 GDP C . -11.43 -11.69 20.62
N3 GDP C . -13.23 -13.11 20.97
C4 GDP C . -14.55 -13.28 21.19
PB GDP D . 20.67 6.68 -15.67
O1B GDP D . 19.83 7.41 -14.63
O2B GDP D . 21.20 5.42 -15.04
O3B GDP D . 21.76 7.60 -16.15
O3A GDP D . 19.74 6.24 -16.88
PA GDP D . 19.09 7.23 -17.97
O1A GDP D . 18.98 8.68 -17.51
O2A GDP D . 19.80 7.11 -19.27
O5' GDP D . 17.63 6.56 -18.04
C5' GDP D . 17.14 5.96 -19.24
C4' GDP D . 15.76 6.54 -19.53
O4' GDP D . 15.90 7.95 -19.76
C3' GDP D . 15.22 5.97 -20.82
O3' GDP D . 13.79 6.02 -20.75
C2' GDP D . 15.71 6.95 -21.87
O2' GDP D . 14.82 7.00 -22.98
C1' GDP D . 15.60 8.26 -21.11
N9 GDP D . 16.56 9.31 -21.50
C8 GDP D . 17.89 9.24 -21.53
N7 GDP D . 18.42 10.44 -21.88
C5 GDP D . 17.40 11.31 -22.06
C6 GDP D . 17.23 12.74 -22.43
O6 GDP D . 18.23 13.45 -22.67
N1 GDP D . 15.99 13.23 -22.51
C2 GDP D . 14.91 12.47 -22.26
N2 GDP D . 13.68 13.03 -22.33
N3 GDP D . 14.98 11.17 -21.91
C4 GDP D . 16.17 10.55 -21.81
#